data_3ZFG
#
_entry.id   3ZFG
#
_cell.length_a   592.500
_cell.length_b   592.500
_cell.length_c   592.500
_cell.angle_alpha   90.00
_cell.angle_beta   90.00
_cell.angle_gamma   90.00
#
_symmetry.space_group_name_H-M   'I 2 3'
#
loop_
_entity.id
_entity.type
_entity.pdbx_description
1 polymer VP1
2 polymer VP2
3 polymer VP3
4 polymer VP4
5 non-polymer '5-(7-(4-(4,5-DIHYDRO-2-OXAZOLYL)PHENOXY)HEPTYL)-3-METHYL ISOXAZOLE'
#
loop_
_entity_poly.entity_id
_entity_poly.type
_entity_poly.pdbx_seq_one_letter_code
_entity_poly.pdbx_strand_id
1 'polypeptide(L)'
;GDRVADVIESSIGDSVSRALTQALPAPTGQNTQVSSHRLDTGEVPALQAAEIGASSNTSDESMIETRCVLNSHSTAETTL
DSFFSRAGLVGEIDLPLEGTTNPNGYANWDIDITGYAQMRRKVELFTYMRFDAEFTFVACTPTGQVVPQLLQYMFVPPGA
PKPESRESLAWQTATNPSVFVKLTDPPAQVSVPFMSPASAYQWFYDGYPTFGEHKQEKDLEYGACPNNMMGTFSVRNVGS
SKSKYPLVVRIYMRMKHVRAWIPRPMRNQNYLFKANPNYAGNSIKPTGTSRTAITTLG
;
A
2 'polypeptide(L)'
;SPSAEACGYSDRVAQLTIGNSTITTQEAANIIVGYGEWPSYCSDDDATAVDKPTRPDVSVNRFYTLDTKLWEKSSKGWYW
KFPDVLTETGVFGQNAQFHYLYRSGFCIHVQCNASKFHQGALLVAILPEYVIGTVAGGTGTEDSHPPYKQTQPGADGFEL
QHPYVLDAGIPISQLTVCPHQWINLRTNNCATIIVPYMNTLPFDSALNHCNFGLLVVPISPLDFDQGATPVIPITITLAP
MCSEFAGLRQAVTQ
;
B
3 'polypeptide(L)'
;GFPTEPKPGTNQFLTTDDGVSAPILPNFHPTPCIHIPGEVRNLLELCQVETILEVNNVPTNATSLMERLRFPVSAQAGKG
ELCAVFRADPGRDGPWQSTMLGQLCGYYTQWSGSLEVTFMFTGSFMATGKMLIAYTPPGGPLPKDRATAMLGTHVIWDFG
LQSSVTLVIPWISNTHYRAHARDGVFDYYTTGLVSIWYQTNYVVPIGAPNTAYIIALAAAQKNFTMKLCKDTSHILQTAS
IQ
;
C
4 'polypeptide(L)' MGSQVSTQRSGSHENSNSATEGSTINYTTINYYKDSYAATAGKQSLKQDPDKFANPVKDIFTEMAAPLK D
#
loop_
_chem_comp.id
_chem_comp.type
_chem_comp.name
_chem_comp.formula
W71 non-polymer '5-(7-(4-(4,5-DIHYDRO-2-OXAZOLYL)PHENOXY)HEPTYL)-3-METHYL ISOXAZOLE' 'C20 H26 N2 O3'
#
# COMPACT_ATOMS: atom_id res chain seq x y z
N ASP A 2 17.11 -21.46 42.82
CA ASP A 2 16.08 -20.48 43.30
C ASP A 2 14.98 -20.21 42.26
N ARG A 3 15.38 -20.08 41.01
CA ARG A 3 14.45 -19.87 39.91
C ARG A 3 14.62 -21.10 39.02
N VAL A 4 13.90 -21.18 37.91
CA VAL A 4 14.04 -22.37 37.12
C VAL A 4 14.83 -22.20 35.85
N ALA A 5 15.60 -21.13 35.78
CA ALA A 5 16.43 -20.93 34.59
C ALA A 5 15.63 -20.61 33.34
N ASP A 6 14.91 -21.58 32.78
CA ASP A 6 14.13 -21.29 31.59
C ASP A 6 13.27 -20.04 31.80
N VAL A 7 13.11 -19.65 33.06
CA VAL A 7 12.34 -18.46 33.43
C VAL A 7 13.26 -17.25 33.43
N ILE A 8 14.50 -17.47 33.80
CA ILE A 8 15.50 -16.42 33.84
C ILE A 8 15.91 -15.93 32.45
N GLU A 9 16.03 -16.83 31.47
CA GLU A 9 16.39 -16.43 30.11
C GLU A 9 15.11 -15.93 29.43
N SER A 10 14.07 -16.78 29.49
CA SER A 10 12.78 -16.49 28.89
C SER A 10 12.67 -15.02 28.54
N SER A 11 12.89 -14.74 27.26
CA SER A 11 12.83 -13.39 26.77
C SER A 11 11.38 -12.91 26.66
N ILE A 12 10.45 -13.67 27.23
CA ILE A 12 9.04 -13.26 27.18
C ILE A 12 8.87 -11.97 27.95
N GLY A 13 8.30 -10.97 27.29
CA GLY A 13 8.10 -9.69 27.91
C GLY A 13 9.06 -8.62 27.39
N ASP A 14 9.55 -8.81 26.17
CA ASP A 14 10.45 -7.83 25.56
C ASP A 14 9.59 -6.85 24.79
N SER A 15 9.39 -5.66 25.36
CA SER A 15 8.52 -4.63 24.77
C SER A 15 9.04 -3.90 23.53
N VAL A 16 10.37 -3.84 23.39
CA VAL A 16 11.00 -3.16 22.26
C VAL A 16 11.20 -4.09 21.05
N SER A 17 10.96 -3.55 19.84
CA SER A 17 11.10 -4.32 18.60
C SER A 17 12.53 -4.35 18.04
N ARG A 18 12.92 -5.50 17.50
CA ARG A 18 14.25 -5.71 16.93
C ARG A 18 14.75 -4.71 15.89
N ALA A 19 13.84 -4.07 15.16
CA ALA A 19 14.23 -3.10 14.14
C ALA A 19 14.76 -3.78 12.88
N LEU A 20 16.07 -3.64 12.63
CA LEU A 20 16.76 -4.22 11.46
C LEU A 20 17.03 -3.16 10.38
N THR A 21 16.37 -2.02 10.49
CA THR A 21 16.54 -0.92 9.54
C THR A 21 16.63 0.40 10.30
N GLN A 22 17.25 1.40 9.69
CA GLN A 22 17.38 2.71 10.30
C GLN A 22 17.04 3.80 9.31
N ALA A 23 16.45 4.89 9.81
CA ALA A 23 16.11 6.01 8.95
C ALA A 23 17.31 6.93 8.87
N LEU A 24 17.78 7.18 7.65
CA LEU A 24 18.93 8.05 7.45
C LEU A 24 18.49 9.35 6.79
N PRO A 25 19.33 10.38 6.84
CA PRO A 25 18.98 11.65 6.21
C PRO A 25 19.02 11.52 4.70
N ALA A 26 18.02 12.08 4.02
CA ALA A 26 17.96 12.00 2.58
C ALA A 26 17.31 13.27 2.03
N PRO A 27 17.96 14.41 2.22
CA PRO A 27 17.49 15.72 1.77
C PRO A 27 17.57 15.87 0.24
N THR A 28 18.54 15.19 -0.36
CA THR A 28 18.74 15.24 -1.80
C THR A 28 18.79 13.81 -2.37
N GLY A 29 18.74 13.73 -3.70
CA GLY A 29 18.83 12.44 -4.36
C GLY A 29 20.27 11.99 -4.22
N GLN A 30 20.49 10.68 -4.21
CA GLN A 30 21.85 10.16 -4.07
C GLN A 30 22.70 10.55 -5.27
N ASN A 31 23.95 10.93 -5.04
CA ASN A 31 24.78 11.32 -6.17
C ASN A 31 25.39 10.10 -6.82
N THR A 32 25.88 10.27 -8.04
CA THR A 32 26.51 9.18 -8.77
C THR A 32 28.02 9.37 -8.68
N GLN A 33 28.74 8.29 -8.42
CA GLN A 33 30.18 8.38 -8.33
C GLN A 33 30.82 7.72 -9.54
N VAL A 34 32.05 8.11 -9.85
CA VAL A 34 32.74 7.55 -11.00
C VAL A 34 32.83 6.03 -10.97
N SER A 35 32.57 5.43 -12.12
CA SER A 35 32.62 3.99 -12.27
C SER A 35 33.58 3.68 -13.40
N SER A 36 34.26 2.54 -13.32
CA SER A 36 35.18 2.17 -14.38
C SER A 36 34.84 0.74 -14.81
N HIS A 37 35.45 0.25 -15.88
CA HIS A 37 35.16 -1.09 -16.32
C HIS A 37 35.57 -2.10 -15.26
N ARG A 38 34.85 -3.21 -15.20
CA ARG A 38 35.11 -4.28 -14.25
C ARG A 38 34.90 -5.59 -15.00
N LEU A 39 35.99 -6.34 -15.16
CA LEU A 39 35.96 -7.62 -15.83
C LEU A 39 36.44 -8.63 -14.83
N ASP A 40 35.52 -9.22 -14.08
CA ASP A 40 35.93 -10.17 -13.07
C ASP A 40 34.87 -11.23 -12.79
N THR A 41 35.31 -12.30 -12.15
CA THR A 41 34.46 -13.42 -11.78
C THR A 41 34.11 -13.34 -10.28
N GLY A 42 33.05 -14.04 -9.89
CA GLY A 42 32.65 -14.04 -8.49
C GLY A 42 31.80 -12.86 -8.05
N GLU A 43 31.88 -11.75 -8.76
CA GLU A 43 31.09 -10.58 -8.39
C GLU A 43 30.06 -10.26 -9.46
N VAL A 44 28.79 -10.48 -9.13
CA VAL A 44 27.69 -10.24 -10.07
C VAL A 44 26.59 -9.33 -9.52
N PRO A 45 26.76 -8.02 -9.67
CA PRO A 45 25.76 -7.07 -9.18
C PRO A 45 24.43 -7.35 -9.86
N ALA A 46 24.47 -7.30 -11.19
CA ALA A 46 23.32 -7.52 -12.05
C ALA A 46 22.44 -8.71 -11.68
N LEU A 47 23.06 -9.81 -11.25
CA LEU A 47 22.30 -10.99 -10.88
C LEU A 47 21.61 -10.86 -9.53
N GLN A 48 20.31 -11.16 -9.53
CA GLN A 48 19.46 -11.09 -8.36
C GLN A 48 18.56 -12.32 -8.22
N ALA A 49 17.81 -12.38 -7.12
CA ALA A 49 16.88 -13.47 -6.86
C ALA A 49 15.64 -12.83 -6.24
N ALA A 50 14.73 -12.42 -7.12
CA ALA A 50 13.51 -11.75 -6.71
C ALA A 50 12.69 -12.55 -5.73
N GLU A 51 12.84 -13.86 -5.76
CA GLU A 51 12.09 -14.74 -4.86
C GLU A 51 12.22 -14.28 -3.43
N ILE A 52 13.43 -13.88 -3.05
CA ILE A 52 13.70 -13.41 -1.69
C ILE A 52 12.67 -12.40 -1.21
N GLY A 53 12.21 -11.54 -2.10
CA GLY A 53 11.22 -10.55 -1.70
C GLY A 53 11.81 -9.17 -1.53
N ALA A 54 13.05 -9.01 -1.94
CA ALA A 54 13.72 -7.72 -1.83
C ALA A 54 14.02 -7.13 -3.20
N SER A 55 13.97 -5.80 -3.28
CA SER A 55 14.24 -5.09 -4.51
C SER A 55 15.73 -5.15 -4.88
N SER A 56 16.01 -5.16 -6.17
CA SER A 56 17.38 -5.22 -6.64
C SER A 56 18.18 -4.05 -6.09
N ASN A 57 19.32 -4.39 -5.49
CA ASN A 57 20.19 -3.37 -4.90
C ASN A 57 21.30 -2.97 -5.88
N THR A 58 21.21 -3.44 -7.12
CA THR A 58 22.20 -3.12 -8.13
C THR A 58 22.28 -1.61 -8.31
N SER A 59 23.50 -1.08 -8.41
CA SER A 59 23.74 0.36 -8.59
C SER A 59 24.04 0.67 -10.04
N ASP A 60 23.82 1.92 -10.44
CA ASP A 60 24.09 2.32 -11.83
C ASP A 60 25.55 2.06 -12.16
N GLU A 61 26.42 2.39 -11.22
CA GLU A 61 27.87 2.24 -11.38
C GLU A 61 28.30 0.83 -11.72
N SER A 62 27.52 -0.17 -11.33
CA SER A 62 27.87 -1.55 -11.61
C SER A 62 27.40 -2.01 -12.99
N MET A 63 26.46 -1.28 -13.57
CA MET A 63 25.92 -1.66 -14.87
C MET A 63 26.51 -0.91 -16.06
N ILE A 64 27.17 0.21 -15.79
CA ILE A 64 27.80 1.00 -16.85
C ILE A 64 28.91 1.88 -16.29
N GLU A 65 29.84 2.32 -17.14
CA GLU A 65 30.87 3.19 -16.64
C GLU A 65 30.17 4.53 -16.49
N THR A 66 30.10 5.01 -15.26
CA THR A 66 29.42 6.26 -14.98
C THR A 66 30.36 7.40 -14.66
N ARG A 67 29.87 8.61 -14.86
CA ARG A 67 30.65 9.81 -14.56
C ARG A 67 30.31 10.13 -13.12
N CYS A 68 30.65 11.33 -12.69
CA CYS A 68 30.31 11.74 -11.35
C CYS A 68 29.24 12.82 -11.47
N VAL A 69 28.21 12.73 -10.64
CA VAL A 69 27.13 13.71 -10.65
C VAL A 69 26.79 14.05 -9.22
N LEU A 70 26.72 15.35 -8.91
CA LEU A 70 26.38 15.79 -7.58
C LEU A 70 24.92 16.18 -7.59
N ASN A 71 24.10 15.22 -7.20
CA ASN A 71 22.66 15.38 -7.17
C ASN A 71 22.26 16.20 -5.95
N SER A 72 21.70 17.37 -6.22
CA SER A 72 21.25 18.29 -5.19
C SER A 72 19.74 18.51 -5.29
N HIS A 73 19.07 17.61 -6.01
CA HIS A 73 17.63 17.68 -6.18
C HIS A 73 17.00 17.38 -4.83
N SER A 74 16.07 18.22 -4.40
CA SER A 74 15.43 18.01 -3.11
C SER A 74 14.39 16.91 -3.10
N THR A 75 14.20 16.33 -1.91
CA THR A 75 13.23 15.26 -1.72
C THR A 75 12.15 15.76 -0.79
N ALA A 76 12.17 17.05 -0.52
CA ALA A 76 11.22 17.67 0.38
C ALA A 76 9.77 17.54 -0.05
N GLU A 77 9.50 17.70 -1.34
CA GLU A 77 8.12 17.65 -1.81
C GLU A 77 7.51 16.26 -1.79
N THR A 78 8.29 15.25 -1.40
CA THR A 78 7.80 13.88 -1.38
C THR A 78 7.44 13.42 0.04
N THR A 79 7.48 14.33 1.01
CA THR A 79 7.15 13.96 2.39
C THR A 79 5.64 13.82 2.49
N LEU A 80 5.18 13.14 3.54
CA LEU A 80 3.74 12.95 3.70
C LEU A 80 3.03 14.29 3.80
N ASP A 81 3.57 15.20 4.60
CA ASP A 81 2.95 16.51 4.74
C ASP A 81 2.84 17.22 3.40
N SER A 82 3.90 17.18 2.60
CA SER A 82 3.88 17.83 1.29
C SER A 82 2.79 17.22 0.43
N PHE A 83 2.79 15.90 0.37
CA PHE A 83 1.83 15.15 -0.42
C PHE A 83 0.39 15.30 0.03
N PHE A 84 0.15 15.34 1.33
CA PHE A 84 -1.20 15.41 1.85
C PHE A 84 -1.76 16.76 2.26
N SER A 85 -0.90 17.66 2.70
CA SER A 85 -1.37 18.97 3.14
C SER A 85 -1.77 19.84 1.95
N ARG A 86 -2.85 19.41 1.31
CA ARG A 86 -3.41 20.09 0.16
C ARG A 86 -4.91 19.96 0.33
N ALA A 87 -5.59 21.08 0.52
CA ALA A 87 -7.04 21.07 0.70
C ALA A 87 -7.68 20.37 -0.47
N GLY A 88 -8.70 19.57 -0.19
CA GLY A 88 -9.41 18.86 -1.24
C GLY A 88 -10.85 18.69 -0.85
N LEU A 89 -11.74 18.57 -1.84
CA LEU A 89 -13.15 18.39 -1.54
C LEU A 89 -13.44 17.02 -0.95
N VAL A 90 -14.16 16.99 0.16
CA VAL A 90 -14.51 15.73 0.80
C VAL A 90 -16.00 15.65 1.11
N GLY A 91 -16.68 16.79 1.08
CA GLY A 91 -18.09 16.80 1.38
C GLY A 91 -18.85 17.90 0.65
N GLU A 92 -20.12 17.63 0.39
CA GLU A 92 -20.98 18.57 -0.32
C GLU A 92 -22.36 18.46 0.33
N ILE A 93 -22.93 19.59 0.71
CA ILE A 93 -24.25 19.59 1.35
C ILE A 93 -25.22 20.55 0.66
N ASP A 94 -26.41 20.04 0.36
CA ASP A 94 -27.43 20.84 -0.32
C ASP A 94 -28.49 21.33 0.65
N LEU A 95 -28.93 22.56 0.46
CA LEU A 95 -29.98 23.15 1.29
C LEU A 95 -30.92 23.93 0.37
N PRO A 96 -31.59 23.20 -0.53
CA PRO A 96 -32.53 23.78 -1.50
C PRO A 96 -33.81 24.29 -0.86
N LEU A 97 -34.56 25.04 -1.64
CA LEU A 97 -35.82 25.61 -1.19
C LEU A 97 -36.91 24.57 -1.39
N GLU A 98 -37.04 24.13 -2.64
CA GLU A 98 -38.01 23.13 -3.05
C GLU A 98 -37.25 21.86 -3.40
N GLY A 99 -37.63 20.74 -2.79
CA GLY A 99 -36.95 19.49 -3.07
C GLY A 99 -37.30 18.38 -2.10
N THR A 100 -36.62 17.25 -2.24
CA THR A 100 -36.83 16.09 -1.37
C THR A 100 -35.57 15.80 -0.56
N THR A 101 -34.46 16.41 -0.97
CA THR A 101 -33.17 16.23 -0.29
C THR A 101 -33.24 16.78 1.13
N ASN A 102 -32.96 18.08 1.28
CA ASN A 102 -32.97 18.72 2.59
C ASN A 102 -33.80 20.01 2.65
N PRO A 103 -35.14 19.89 2.73
CA PRO A 103 -35.91 21.14 2.80
C PRO A 103 -35.80 21.54 4.26
N ASN A 104 -36.84 22.15 4.81
CA ASN A 104 -36.83 22.53 6.21
C ASN A 104 -35.71 23.52 6.60
N GLY A 105 -34.61 23.50 5.85
CA GLY A 105 -33.52 24.44 6.12
C GLY A 105 -32.34 23.97 6.97
N TYR A 106 -32.02 22.69 6.92
CA TYR A 106 -30.91 22.14 7.71
C TYR A 106 -30.53 20.76 7.18
N ALA A 107 -29.29 20.36 7.45
CA ALA A 107 -28.80 19.07 6.99
C ALA A 107 -27.84 18.44 8.00
N ASN A 108 -27.68 17.13 7.90
CA ASN A 108 -26.76 16.41 8.78
C ASN A 108 -25.85 15.55 7.90
N TRP A 109 -24.60 15.98 7.76
CA TRP A 109 -23.64 15.26 6.94
C TRP A 109 -22.82 14.34 7.83
N ASP A 110 -22.89 13.04 7.56
CA ASP A 110 -22.12 12.08 8.32
C ASP A 110 -20.67 12.33 7.89
N ILE A 111 -19.82 12.68 8.86
CA ILE A 111 -18.41 12.97 8.58
C ILE A 111 -17.66 11.74 8.07
N ASP A 112 -17.48 11.69 6.75
CA ASP A 112 -16.85 10.57 6.11
C ASP A 112 -16.16 11.08 4.86
N ILE A 113 -14.83 11.01 4.81
CA ILE A 113 -14.12 11.51 3.63
C ILE A 113 -14.05 10.56 2.43
N THR A 114 -14.61 9.36 2.57
CA THR A 114 -14.59 8.39 1.48
C THR A 114 -15.61 8.66 0.36
N GLY A 115 -16.26 9.82 0.40
CA GLY A 115 -17.26 10.15 -0.61
C GLY A 115 -16.78 10.71 -1.94
N TYR A 116 -15.53 11.16 -2.03
CA TYR A 116 -14.99 11.72 -3.26
C TYR A 116 -13.70 11.05 -3.70
N ALA A 117 -13.69 10.59 -4.94
CA ALA A 117 -12.57 9.85 -5.54
C ALA A 117 -11.15 10.36 -5.48
N GLN A 118 -10.92 11.65 -5.71
CA GLN A 118 -9.56 12.18 -5.69
C GLN A 118 -8.86 12.03 -4.35
N MET A 119 -9.48 12.60 -3.32
CA MET A 119 -8.96 12.56 -1.96
C MET A 119 -8.92 11.13 -1.45
N ARG A 120 -10.02 10.40 -1.66
CA ARG A 120 -10.09 9.03 -1.19
C ARG A 120 -8.92 8.17 -1.65
N ARG A 121 -8.63 8.18 -2.94
CA ARG A 121 -7.53 7.36 -3.46
C ARG A 121 -6.20 7.66 -2.82
N LYS A 122 -5.89 8.95 -2.65
CA LYS A 122 -4.62 9.36 -2.03
C LYS A 122 -4.45 8.73 -0.66
N VAL A 123 -5.45 8.90 0.18
CA VAL A 123 -5.33 8.34 1.50
C VAL A 123 -5.36 6.81 1.49
N GLU A 124 -6.15 6.20 0.61
CA GLU A 124 -6.20 4.74 0.58
C GLU A 124 -4.88 4.13 0.13
N LEU A 125 -3.86 4.97 0.04
CA LEU A 125 -2.52 4.54 -0.34
C LEU A 125 -1.93 3.86 0.89
N PHE A 126 -2.39 4.29 2.05
CA PHE A 126 -1.91 3.76 3.30
C PHE A 126 -3.02 3.07 4.05
N THR A 127 -2.63 2.24 4.99
CA THR A 127 -3.60 1.51 5.80
C THR A 127 -4.00 2.33 7.01
N TYR A 128 -3.03 2.99 7.64
CA TYR A 128 -3.32 3.79 8.82
C TYR A 128 -2.81 5.21 8.69
N MET A 129 -3.58 6.16 9.20
CA MET A 129 -3.18 7.55 9.14
C MET A 129 -3.58 8.35 10.38
N ARG A 130 -2.63 9.13 10.89
CA ARG A 130 -2.84 9.95 12.07
C ARG A 130 -2.53 11.37 11.62
N PHE A 131 -3.39 12.32 11.97
CA PHE A 131 -3.17 13.71 11.55
C PHE A 131 -4.23 14.68 12.06
N ASP A 132 -3.90 15.96 11.96
CA ASP A 132 -4.83 17.00 12.35
C ASP A 132 -5.31 17.49 11.00
N ALA A 133 -6.32 18.35 10.98
CA ALA A 133 -6.81 18.84 9.70
C ALA A 133 -7.38 20.24 9.76
N GLU A 134 -7.43 20.87 8.60
CA GLU A 134 -7.98 22.20 8.48
C GLU A 134 -9.21 22.08 7.60
N PHE A 135 -10.38 22.27 8.20
CA PHE A 135 -11.60 22.20 7.43
C PHE A 135 -12.03 23.58 7.01
N THR A 136 -12.28 23.71 5.71
CA THR A 136 -12.73 24.98 5.16
C THR A 136 -14.09 24.75 4.51
N PHE A 137 -15.04 25.64 4.78
CA PHE A 137 -16.39 25.51 4.25
C PHE A 137 -16.78 26.63 3.29
N VAL A 138 -16.90 26.26 2.01
CA VAL A 138 -17.25 27.20 0.95
C VAL A 138 -18.74 27.15 0.62
N ALA A 139 -19.47 28.20 0.99
CA ALA A 139 -20.90 28.23 0.74
C ALA A 139 -21.35 29.30 -0.25
N CYS A 140 -22.44 29.00 -0.95
CA CYS A 140 -23.02 29.89 -1.94
C CYS A 140 -24.21 29.18 -2.59
N THR A 141 -24.87 29.86 -3.53
CA THR A 141 -26.01 29.26 -4.20
C THR A 141 -25.52 28.35 -5.31
N PRO A 142 -26.41 27.54 -5.88
CA PRO A 142 -26.04 26.61 -6.95
C PRO A 142 -25.48 27.31 -8.18
N THR A 143 -25.77 28.60 -8.34
CA THR A 143 -25.26 29.33 -9.49
C THR A 143 -23.85 29.80 -9.19
N GLY A 144 -23.47 29.74 -7.92
CA GLY A 144 -22.15 30.17 -7.50
C GLY A 144 -22.22 31.62 -7.03
N GLN A 145 -23.45 32.08 -6.83
CA GLN A 145 -23.70 33.44 -6.39
C GLN A 145 -23.58 33.61 -4.89
N VAL A 146 -23.01 34.74 -4.48
CA VAL A 146 -22.85 35.04 -3.06
C VAL A 146 -24.07 35.80 -2.58
N VAL A 147 -24.66 35.31 -1.50
CA VAL A 147 -25.88 35.86 -0.96
C VAL A 147 -25.80 36.25 0.53
N PRO A 148 -26.47 37.35 0.92
CA PRO A 148 -26.48 37.81 2.32
C PRO A 148 -27.30 36.90 3.23
N GLN A 149 -26.75 35.73 3.52
CA GLN A 149 -27.42 34.74 4.35
C GLN A 149 -26.52 34.26 5.48
N LEU A 150 -27.12 34.07 6.66
CA LEU A 150 -26.38 33.61 7.83
C LEU A 150 -26.58 32.11 8.11
N LEU A 151 -25.45 31.42 8.25
CA LEU A 151 -25.46 29.98 8.52
C LEU A 151 -24.85 29.64 9.87
N GLN A 152 -25.12 28.42 10.30
CA GLN A 152 -24.54 27.93 11.54
C GLN A 152 -24.06 26.51 11.29
N TYR A 153 -22.75 26.28 11.45
CA TYR A 153 -22.22 24.96 11.28
C TYR A 153 -22.03 24.45 12.70
N MET A 154 -22.26 23.16 12.91
CA MET A 154 -22.11 22.61 14.25
C MET A 154 -21.57 21.20 14.23
N PHE A 155 -20.41 21.00 14.84
CA PHE A 155 -19.83 19.68 14.89
C PHE A 155 -20.60 18.92 15.96
N VAL A 156 -21.13 17.74 15.60
CA VAL A 156 -21.88 16.95 16.57
C VAL A 156 -21.25 15.59 16.83
N PRO A 157 -20.36 15.52 17.81
CA PRO A 157 -19.64 14.30 18.20
C PRO A 157 -20.64 13.19 18.42
N PRO A 158 -20.24 11.94 18.14
CA PRO A 158 -21.19 10.85 18.33
C PRO A 158 -21.67 10.74 19.77
N GLY A 159 -23.00 10.74 19.94
CA GLY A 159 -23.56 10.65 21.26
C GLY A 159 -24.26 11.94 21.64
N ALA A 160 -24.02 12.98 20.87
CA ALA A 160 -24.62 14.28 21.11
C ALA A 160 -25.92 14.33 20.35
N PRO A 161 -26.88 15.14 20.82
CA PRO A 161 -28.18 15.26 20.15
C PRO A 161 -28.03 15.86 18.77
N LYS A 162 -28.43 15.08 17.77
CA LYS A 162 -28.38 15.47 16.37
C LYS A 162 -29.65 16.28 16.08
N PRO A 163 -29.52 17.51 15.56
CA PRO A 163 -30.70 18.34 15.27
C PRO A 163 -31.75 17.71 14.35
N GLU A 164 -33.00 17.79 14.79
CA GLU A 164 -34.14 17.23 14.06
C GLU A 164 -34.88 18.26 13.20
N SER A 165 -34.58 19.54 13.38
CA SER A 165 -35.22 20.61 12.59
C SER A 165 -34.38 21.87 12.60
N ARG A 166 -34.75 22.85 11.78
CA ARG A 166 -34.01 24.11 11.73
C ARG A 166 -34.03 24.83 13.08
N GLU A 167 -35.07 24.58 13.86
CA GLU A 167 -35.21 25.22 15.16
C GLU A 167 -34.96 24.27 16.32
N SER A 168 -34.28 23.16 16.05
CA SER A 168 -33.99 22.18 17.09
C SER A 168 -33.30 22.83 18.26
N LEU A 169 -33.58 22.33 19.45
CA LEU A 169 -32.97 22.86 20.65
C LEU A 169 -31.46 22.66 20.63
N ALA A 170 -31.02 21.64 19.90
CA ALA A 170 -29.60 21.33 19.80
C ALA A 170 -28.73 22.50 19.31
N TRP A 171 -29.36 23.46 18.61
CA TRP A 171 -28.62 24.60 18.07
C TRP A 171 -28.17 25.59 19.13
N GLN A 172 -28.48 25.29 20.40
CA GLN A 172 -28.06 26.18 21.48
C GLN A 172 -26.55 25.97 21.58
N THR A 173 -26.11 24.85 21.03
CA THR A 173 -24.70 24.48 20.98
C THR A 173 -23.91 24.97 22.20
N ALA A 174 -24.41 24.59 23.38
CA ALA A 174 -23.81 24.99 24.64
C ALA A 174 -22.45 24.39 24.93
N THR A 175 -22.14 23.26 24.29
CA THR A 175 -20.85 22.62 24.52
C THR A 175 -20.22 22.16 23.21
N ASN A 176 -21.05 22.00 22.19
CA ASN A 176 -20.54 21.61 20.89
C ASN A 176 -19.91 22.85 20.27
N PRO A 177 -18.98 22.64 19.34
CA PRO A 177 -18.38 23.83 18.74
C PRO A 177 -19.14 24.19 17.47
N SER A 178 -19.70 25.39 17.44
CA SER A 178 -20.44 25.85 16.26
C SER A 178 -19.78 27.06 15.64
N VAL A 179 -20.12 27.31 14.38
CA VAL A 179 -19.57 28.44 13.68
C VAL A 179 -20.70 29.19 13.01
N PHE A 180 -20.69 30.51 13.16
CA PHE A 180 -21.71 31.32 12.54
C PHE A 180 -21.06 32.17 11.47
N VAL A 181 -21.50 32.00 10.24
CA VAL A 181 -20.94 32.77 9.14
C VAL A 181 -21.94 33.20 8.09
N LYS A 182 -21.66 34.34 7.48
CA LYS A 182 -22.48 34.87 6.42
C LYS A 182 -21.83 34.32 5.15
N LEU A 183 -22.61 34.13 4.09
CA LEU A 183 -22.05 33.63 2.85
C LEU A 183 -21.25 34.73 2.20
N THR A 184 -21.39 35.93 2.73
CA THR A 184 -20.68 37.09 2.21
C THR A 184 -19.30 37.19 2.84
N ASP A 185 -19.11 36.49 3.96
CA ASP A 185 -17.81 36.48 4.62
C ASP A 185 -17.02 35.40 3.91
N PRO A 186 -15.68 35.53 3.93
CA PRO A 186 -14.84 34.52 3.27
C PRO A 186 -15.18 33.13 3.85
N PRO A 187 -14.98 32.07 3.05
CA PRO A 187 -15.30 30.72 3.56
C PRO A 187 -14.72 30.49 4.95
N ALA A 188 -15.52 29.91 5.82
CA ALA A 188 -15.08 29.65 7.19
C ALA A 188 -14.06 28.53 7.19
N GLN A 189 -13.03 28.68 8.02
CA GLN A 189 -11.99 27.68 8.11
C GLN A 189 -11.69 27.48 9.59
N VAL A 190 -11.42 26.24 9.96
CA VAL A 190 -11.20 25.93 11.36
C VAL A 190 -10.19 24.79 11.49
N SER A 191 -9.60 24.67 12.67
CA SER A 191 -8.59 23.65 12.92
C SER A 191 -9.08 22.49 13.78
N VAL A 192 -8.94 21.28 13.26
CA VAL A 192 -9.37 20.07 13.96
C VAL A 192 -8.22 19.14 14.31
N PRO A 193 -8.24 18.59 15.53
CA PRO A 193 -7.20 17.68 16.03
C PRO A 193 -7.44 16.23 15.63
N PHE A 194 -6.55 15.35 16.12
CA PHE A 194 -6.69 13.94 15.82
C PHE A 194 -7.57 13.33 16.90
N MET A 195 -8.86 13.36 16.67
CA MET A 195 -9.80 12.79 17.61
C MET A 195 -10.02 11.38 17.17
N SER A 196 -10.11 10.45 18.10
CA SER A 196 -10.30 9.04 17.79
C SER A 196 -9.67 8.26 18.89
N PRO A 197 -10.33 7.18 19.34
CA PRO A 197 -9.81 6.34 20.40
C PRO A 197 -8.65 5.47 19.92
N ALA A 198 -8.54 5.30 18.60
CA ALA A 198 -7.45 4.50 18.06
C ALA A 198 -6.27 5.45 17.89
N SER A 199 -5.07 4.91 17.68
CA SER A 199 -3.91 5.77 17.51
C SER A 199 -3.87 6.36 16.11
N ALA A 200 -4.65 5.80 15.21
CA ALA A 200 -4.69 6.30 13.84
C ALA A 200 -6.00 5.95 13.18
N TYR A 201 -6.42 6.76 12.21
CA TYR A 201 -7.64 6.47 11.48
C TYR A 201 -7.28 5.25 10.64
N GLN A 202 -8.26 4.43 10.34
CA GLN A 202 -8.05 3.19 9.61
C GLN A 202 -8.86 3.22 8.32
N TRP A 203 -8.19 3.24 7.18
CA TRP A 203 -8.92 3.29 5.93
C TRP A 203 -9.54 1.94 5.62
N PHE A 204 -8.90 0.87 6.09
CA PHE A 204 -9.39 -0.48 5.86
C PHE A 204 -9.43 -1.24 7.17
N TYR A 205 -10.60 -1.75 7.54
CA TYR A 205 -10.75 -2.52 8.78
C TYR A 205 -11.31 -3.91 8.46
N ASP A 206 -10.41 -4.87 8.24
CA ASP A 206 -10.81 -6.24 7.92
C ASP A 206 -11.40 -6.97 9.13
N GLY A 207 -12.66 -6.68 9.43
CA GLY A 207 -13.30 -7.32 10.55
C GLY A 207 -14.66 -6.70 10.82
N TYR A 208 -15.32 -7.14 11.89
CA TYR A 208 -16.64 -6.63 12.26
C TYR A 208 -16.53 -5.82 13.54
N PRO A 209 -17.61 -5.11 13.91
CA PRO A 209 -17.49 -4.34 15.16
C PRO A 209 -18.41 -4.79 16.29
N THR A 210 -19.27 -5.78 16.05
CA THR A 210 -20.24 -6.18 17.06
C THR A 210 -20.14 -7.45 17.88
N PHE A 211 -19.59 -8.53 17.33
CA PHE A 211 -19.50 -9.78 18.12
C PHE A 211 -20.73 -10.68 18.03
N GLY A 212 -21.64 -10.44 17.08
CA GLY A 212 -22.82 -11.29 16.99
C GLY A 212 -22.78 -12.58 16.18
N GLU A 213 -23.92 -12.84 15.51
CA GLU A 213 -24.11 -14.01 14.68
C GLU A 213 -23.49 -13.80 13.30
N HIS A 214 -23.52 -12.55 12.84
CA HIS A 214 -22.96 -12.18 11.52
C HIS A 214 -23.71 -12.85 10.37
N LYS A 215 -25.03 -12.73 10.37
CA LYS A 215 -25.86 -13.32 9.33
C LYS A 215 -25.81 -12.48 8.07
N GLN A 216 -26.64 -12.84 7.09
CA GLN A 216 -26.76 -12.16 5.81
C GLN A 216 -27.03 -10.67 5.97
N GLU A 217 -28.17 -10.36 6.56
CA GLU A 217 -28.61 -8.99 6.78
C GLU A 217 -27.53 -8.08 7.36
N LYS A 218 -26.76 -8.61 8.30
CA LYS A 218 -25.70 -7.83 8.94
C LYS A 218 -24.36 -7.68 8.21
N ASP A 219 -24.20 -8.30 7.05
CA ASP A 219 -22.94 -8.17 6.31
C ASP A 219 -22.71 -6.71 5.92
N LEU A 220 -23.65 -5.88 6.32
CA LEU A 220 -23.58 -4.46 6.08
C LEU A 220 -22.52 -3.84 6.99
N GLU A 221 -22.21 -4.53 8.09
CA GLU A 221 -21.25 -4.04 9.09
C GLU A 221 -19.81 -4.49 8.89
N TYR A 222 -19.53 -5.28 7.86
CA TYR A 222 -18.16 -5.71 7.62
C TYR A 222 -17.35 -4.52 7.16
N GLY A 223 -16.22 -4.27 7.82
CA GLY A 223 -15.36 -3.17 7.45
C GLY A 223 -15.75 -1.85 8.08
N ALA A 224 -16.75 -1.90 8.95
CA ALA A 224 -17.22 -0.71 9.64
C ALA A 224 -16.46 -0.56 10.95
N CYS A 225 -15.52 0.39 11.00
CA CYS A 225 -14.76 0.60 12.21
C CYS A 225 -15.11 1.89 12.93
N PRO A 226 -15.79 1.80 14.07
CA PRO A 226 -16.23 2.95 14.88
C PRO A 226 -15.15 3.97 15.22
N ASN A 227 -13.89 3.55 15.23
CA ASN A 227 -12.81 4.47 15.55
C ASN A 227 -12.66 5.51 14.44
N ASN A 228 -13.46 5.37 13.37
CA ASN A 228 -13.40 6.30 12.24
C ASN A 228 -14.63 7.18 12.14
N MET A 229 -15.72 6.76 12.79
CA MET A 229 -16.95 7.53 12.76
C MET A 229 -16.78 8.62 13.80
N MET A 230 -16.41 9.80 13.32
CA MET A 230 -16.16 10.95 14.18
C MET A 230 -17.39 11.75 14.53
N GLY A 231 -18.55 11.31 14.06
CA GLY A 231 -19.77 12.02 14.35
C GLY A 231 -20.31 12.71 13.12
N THR A 232 -21.22 13.65 13.30
CA THR A 232 -21.79 14.35 12.15
C THR A 232 -21.54 15.86 12.16
N PHE A 233 -21.65 16.46 10.98
CA PHE A 233 -21.48 17.89 10.78
C PHE A 233 -22.85 18.41 10.38
N SER A 234 -23.44 19.26 11.20
CA SER A 234 -24.78 19.78 10.92
C SER A 234 -24.76 21.23 10.53
N VAL A 235 -25.64 21.63 9.64
CA VAL A 235 -25.69 23.01 9.20
C VAL A 235 -27.14 23.46 9.04
N ARG A 236 -27.42 24.71 9.35
CA ARG A 236 -28.77 25.27 9.23
C ARG A 236 -28.68 26.75 8.91
N ASN A 237 -29.72 27.30 8.30
CA ASN A 237 -29.71 28.73 8.04
C ASN A 237 -30.29 29.19 9.38
N VAL A 238 -29.64 30.13 10.06
CA VAL A 238 -30.14 30.53 11.36
C VAL A 238 -31.44 31.33 11.29
N GLY A 239 -32.52 30.75 11.80
CA GLY A 239 -33.78 31.46 11.77
C GLY A 239 -34.97 30.56 12.05
N SER A 240 -36.17 31.09 11.83
CA SER A 240 -37.37 30.32 12.08
C SER A 240 -38.29 30.32 10.84
N SER A 241 -37.76 30.77 9.72
CA SER A 241 -38.52 30.82 8.48
C SER A 241 -37.71 30.38 7.27
N LYS A 242 -38.42 30.02 6.20
CA LYS A 242 -37.82 29.54 4.94
C LYS A 242 -36.59 30.35 4.56
N SER A 243 -35.52 29.65 4.20
CA SER A 243 -34.25 30.28 3.83
C SER A 243 -34.34 31.47 2.91
N LYS A 244 -35.13 31.37 1.84
CA LYS A 244 -35.29 32.46 0.87
C LYS A 244 -34.29 32.33 -0.31
N TYR A 245 -33.22 31.58 -0.08
CA TYR A 245 -32.19 31.34 -1.09
C TYR A 245 -31.75 29.88 -1.02
N PRO A 246 -31.57 29.23 -2.17
CA PRO A 246 -31.14 27.83 -2.20
C PRO A 246 -29.62 27.81 -1.95
N LEU A 247 -29.17 26.98 -1.01
CA LEU A 247 -27.74 26.95 -0.67
C LEU A 247 -27.01 25.66 -0.93
N VAL A 248 -25.70 25.75 -0.88
CA VAL A 248 -24.80 24.61 -1.06
C VAL A 248 -23.54 24.87 -0.27
N VAL A 249 -23.05 23.85 0.41
CA VAL A 249 -21.82 24.01 1.17
C VAL A 249 -20.82 22.96 0.76
N ARG A 250 -19.62 23.39 0.43
CA ARG A 250 -18.59 22.45 0.04
C ARG A 250 -17.57 22.40 1.15
N ILE A 251 -17.27 21.18 1.59
CA ILE A 251 -16.33 20.96 2.66
C ILE A 251 -14.99 20.48 2.14
N TYR A 252 -13.96 21.29 2.41
CA TYR A 252 -12.61 20.96 1.99
C TYR A 252 -11.77 20.62 3.20
N MET A 253 -10.92 19.60 3.07
CA MET A 253 -10.06 19.19 4.17
C MET A 253 -8.59 19.15 3.82
N ARG A 254 -7.78 19.79 4.64
CA ARG A 254 -6.34 19.82 4.42
C ARG A 254 -5.68 19.15 5.62
N MET A 255 -5.05 18.00 5.39
CA MET A 255 -4.40 17.28 6.47
C MET A 255 -3.07 17.92 6.83
N LYS A 256 -2.72 17.86 8.10
CA LYS A 256 -1.46 18.41 8.56
C LYS A 256 -0.95 17.63 9.78
N HIS A 257 0.37 17.57 9.93
CA HIS A 257 1.00 16.84 11.04
C HIS A 257 0.67 15.37 10.80
N VAL A 258 0.93 14.93 9.58
CA VAL A 258 0.64 13.57 9.14
C VAL A 258 1.66 12.49 9.44
N ARG A 259 1.15 11.32 9.79
CA ARG A 259 1.93 10.11 10.05
C ARG A 259 1.12 9.06 9.28
N ALA A 260 1.79 8.19 8.52
CA ALA A 260 1.06 7.16 7.77
C ALA A 260 1.80 5.83 7.84
N TRP A 261 1.05 4.73 7.80
CA TRP A 261 1.65 3.41 7.93
C TRP A 261 1.10 2.36 6.98
N ILE A 262 1.96 1.40 6.64
CA ILE A 262 1.58 0.28 5.79
C ILE A 262 0.96 0.65 4.46
N PRO A 263 1.80 0.93 3.45
CA PRO A 263 1.36 1.29 2.11
C PRO A 263 0.68 0.09 1.45
N ARG A 264 -0.33 0.38 0.64
CA ARG A 264 -1.10 -0.63 -0.05
C ARG A 264 -1.13 -0.32 -1.54
N PRO A 265 -1.61 -1.26 -2.36
CA PRO A 265 -1.68 -1.00 -3.80
C PRO A 265 -2.72 0.10 -4.07
N MET A 266 -2.37 1.03 -4.96
CA MET A 266 -3.26 2.14 -5.32
C MET A 266 -4.55 1.60 -5.93
N ARG A 267 -5.68 2.25 -5.62
CA ARG A 267 -6.98 1.84 -6.16
C ARG A 267 -6.93 1.57 -7.65
N ASN A 268 -7.48 0.43 -8.03
CA ASN A 268 -7.46 -0.05 -9.41
C ASN A 268 -8.73 0.15 -10.26
N GLN A 269 -9.88 -0.07 -9.63
CA GLN A 269 -11.19 0.05 -10.29
C GLN A 269 -11.99 1.21 -9.75
N ASN A 270 -12.96 1.69 -10.52
CA ASN A 270 -13.81 2.80 -10.09
C ASN A 270 -14.37 2.55 -8.72
N TYR A 271 -14.61 3.61 -7.98
CA TYR A 271 -15.17 3.48 -6.65
C TYR A 271 -16.67 3.38 -6.80
N LEU A 272 -17.33 2.67 -5.89
CA LEU A 272 -18.77 2.54 -5.97
C LEU A 272 -19.51 3.04 -4.73
N PHE A 273 -19.05 2.65 -3.55
CA PHE A 273 -19.69 3.09 -2.31
C PHE A 273 -18.68 3.50 -1.25
N LYS A 274 -19.12 4.29 -0.28
CA LYS A 274 -18.23 4.74 0.79
C LYS A 274 -17.92 3.60 1.78
N ALA A 275 -16.71 3.57 2.32
CA ALA A 275 -16.29 2.52 3.27
C ALA A 275 -16.82 1.18 2.79
N ASN A 276 -16.27 0.73 1.66
CA ASN A 276 -16.65 -0.51 1.02
C ASN A 276 -15.89 -0.56 -0.30
N PRO A 277 -14.90 -1.44 -0.40
CA PRO A 277 -14.09 -1.56 -1.62
C PRO A 277 -14.78 -2.15 -2.85
N ASN A 278 -16.10 -2.37 -2.78
CA ASN A 278 -16.84 -2.96 -3.91
C ASN A 278 -16.46 -2.39 -5.27
N TYR A 279 -16.36 -3.29 -6.25
CA TYR A 279 -16.02 -2.92 -7.62
C TYR A 279 -17.05 -3.52 -8.55
N ALA A 280 -17.12 -3.02 -9.79
CA ALA A 280 -18.09 -3.53 -10.75
C ALA A 280 -17.59 -4.80 -11.42
N GLY A 281 -18.13 -5.94 -11.00
CA GLY A 281 -17.71 -7.23 -11.54
C GLY A 281 -17.66 -7.39 -13.05
N ASN A 282 -18.59 -6.78 -13.78
CA ASN A 282 -18.62 -6.91 -15.23
C ASN A 282 -17.79 -5.89 -15.96
N SER A 283 -17.36 -4.86 -15.25
CA SER A 283 -16.55 -3.81 -15.84
C SER A 283 -15.17 -3.75 -15.20
N ILE A 284 -14.53 -4.92 -15.06
CA ILE A 284 -13.20 -4.96 -14.47
C ILE A 284 -12.21 -4.61 -15.56
N LYS A 285 -11.72 -3.38 -15.54
CA LYS A 285 -10.77 -2.89 -16.54
C LYS A 285 -9.32 -3.08 -16.09
N PRO A 286 -8.37 -3.10 -17.04
CA PRO A 286 -6.95 -3.26 -16.73
C PRO A 286 -6.44 -2.04 -15.99
N THR A 287 -5.39 -2.23 -15.19
CA THR A 287 -4.82 -1.14 -14.43
C THR A 287 -4.53 0.05 -15.33
N GLY A 288 -4.11 -0.22 -16.57
CA GLY A 288 -3.81 0.84 -17.51
C GLY A 288 -4.12 0.58 -18.97
N THR A 289 -3.39 1.25 -19.85
CA THR A 289 -3.54 1.13 -21.29
C THR A 289 -3.12 -0.23 -21.80
N SER A 290 -3.52 -0.53 -23.04
CA SER A 290 -3.18 -1.79 -23.68
C SER A 290 -2.71 -1.56 -25.13
N ARG A 291 -1.88 -2.47 -25.65
CA ARG A 291 -1.36 -2.38 -27.01
C ARG A 291 -1.96 -3.51 -27.81
N THR A 292 -1.34 -3.78 -28.94
CA THR A 292 -1.77 -4.86 -29.82
C THR A 292 -0.83 -6.05 -29.71
N ALA A 293 0.46 -5.78 -29.50
CA ALA A 293 1.45 -6.84 -29.38
C ALA A 293 2.62 -6.40 -28.51
N ILE A 294 3.26 -7.35 -27.81
CA ILE A 294 4.40 -7.01 -26.95
C ILE A 294 5.63 -6.62 -27.77
N THR A 295 5.56 -6.82 -29.08
CA THR A 295 6.70 -6.49 -29.91
C THR A 295 6.49 -5.21 -30.71
N THR A 296 5.50 -4.43 -30.31
CA THR A 296 5.20 -3.18 -31.00
C THR A 296 4.66 -2.12 -30.06
N LEU A 297 5.04 -0.89 -30.30
CA LEU A 297 4.60 0.22 -29.47
C LEU A 297 3.21 0.70 -29.89
N GLY A 298 3.01 0.91 -31.10
N SER B 10 25.01 -21.61 2.75
CA SER B 10 24.47 -21.14 4.06
C SER B 10 23.43 -20.05 3.85
N ASP B 11 22.36 -20.40 3.14
CA ASP B 11 21.28 -19.44 2.87
C ASP B 11 20.08 -20.07 2.14
N ARG B 12 20.32 -21.22 1.51
CA ARG B 12 19.27 -21.93 0.80
C ARG B 12 18.73 -23.04 1.68
N VAL B 13 19.41 -23.29 2.79
CA VAL B 13 18.97 -24.29 3.76
C VAL B 13 18.59 -23.52 5.00
N ALA B 14 17.62 -24.03 5.76
CA ALA B 14 17.19 -23.32 6.95
C ALA B 14 16.39 -24.20 7.89
N GLN B 15 16.33 -23.79 9.16
CA GLN B 15 15.57 -24.52 10.14
C GLN B 15 14.87 -23.57 11.09
N LEU B 16 13.55 -23.70 11.17
CA LEU B 16 12.74 -22.85 12.03
C LEU B 16 12.28 -23.68 13.21
N THR B 17 12.53 -23.22 14.43
CA THR B 17 12.11 -23.97 15.60
C THR B 17 11.42 -23.13 16.66
N ILE B 18 10.14 -23.43 16.91
CA ILE B 18 9.37 -22.73 17.94
C ILE B 18 8.66 -23.82 18.73
N GLY B 19 8.41 -23.58 20.00
CA GLY B 19 7.72 -24.58 20.80
C GLY B 19 8.33 -25.95 20.54
N ASN B 20 7.48 -26.93 20.25
CA ASN B 20 7.94 -28.29 20.01
C ASN B 20 7.83 -28.63 18.53
N SER B 21 8.12 -27.65 17.68
CA SER B 21 8.01 -27.85 16.25
C SER B 21 9.23 -27.34 15.50
N THR B 22 9.68 -28.10 14.51
CA THR B 22 10.84 -27.70 13.72
C THR B 22 10.58 -27.89 12.24
N ILE B 23 10.68 -26.81 11.48
CA ILE B 23 10.50 -26.89 10.03
C ILE B 23 11.88 -26.94 9.40
N THR B 24 11.99 -27.70 8.33
CA THR B 24 13.27 -27.84 7.67
C THR B 24 13.10 -27.45 6.20
N THR B 25 14.20 -27.06 5.54
CA THR B 25 14.12 -26.69 4.12
C THR B 25 15.49 -26.63 3.49
N GLN B 26 15.62 -27.17 2.28
CA GLN B 26 16.90 -27.17 1.61
C GLN B 26 16.91 -26.34 0.33
N GLU B 27 15.83 -25.62 0.08
CA GLU B 27 15.76 -24.77 -1.09
C GLU B 27 14.99 -23.52 -0.75
N ALA B 28 15.44 -22.84 0.29
CA ALA B 28 14.82 -21.62 0.75
C ALA B 28 15.36 -20.43 -0.01
N ALA B 29 14.77 -19.26 0.23
CA ALA B 29 15.19 -18.02 -0.41
C ALA B 29 15.21 -16.94 0.66
N ASN B 30 16.02 -17.19 1.68
CA ASN B 30 16.16 -16.26 2.80
C ASN B 30 14.82 -16.10 3.52
N ILE B 31 14.79 -15.21 4.50
CA ILE B 31 13.60 -14.94 5.30
C ILE B 31 13.22 -13.46 5.29
N ILE B 32 11.94 -13.17 5.09
CA ILE B 32 11.52 -11.79 5.10
C ILE B 32 10.99 -11.45 6.47
N VAL B 33 11.30 -10.24 6.92
CA VAL B 33 10.81 -9.79 8.20
C VAL B 33 9.94 -8.57 7.94
N GLY B 34 8.64 -8.80 7.91
CA GLY B 34 7.68 -7.76 7.64
C GLY B 34 8.01 -6.37 8.17
N TYR B 35 8.09 -5.42 7.25
CA TYR B 35 8.37 -4.02 7.58
C TYR B 35 9.59 -3.90 8.48
N GLY B 36 10.49 -4.86 8.35
CA GLY B 36 11.71 -4.91 9.12
C GLY B 36 11.51 -4.71 10.60
N GLU B 37 10.83 -5.65 11.25
CA GLU B 37 10.55 -5.57 12.69
C GLU B 37 10.16 -6.91 13.26
N TRP B 38 10.89 -7.37 14.27
CA TRP B 38 10.57 -8.63 14.90
C TRP B 38 9.42 -8.46 15.87
N PRO B 39 8.57 -9.49 15.98
CA PRO B 39 7.41 -9.45 16.89
C PRO B 39 7.89 -9.17 18.31
N SER B 40 7.23 -8.25 18.99
CA SER B 40 7.61 -7.93 20.36
C SER B 40 6.37 -7.98 21.24
N TYR B 41 6.58 -7.87 22.55
CA TYR B 41 5.44 -7.87 23.47
C TYR B 41 5.00 -6.40 23.63
N CYS B 42 3.82 -6.19 24.19
CA CYS B 42 3.30 -4.84 24.32
C CYS B 42 3.95 -4.00 25.43
N SER B 43 4.46 -2.83 25.05
CA SER B 43 5.11 -1.87 25.96
C SER B 43 4.23 -1.61 27.15
N ASP B 44 4.84 -1.20 28.25
CA ASP B 44 4.08 -0.87 29.44
C ASP B 44 3.40 0.48 29.29
N ASP B 45 3.76 1.24 28.25
CA ASP B 45 3.17 2.54 28.03
C ASP B 45 2.37 2.58 26.72
N ASP B 46 2.37 1.46 26.01
CA ASP B 46 1.61 1.34 24.78
C ASP B 46 0.28 0.69 25.15
N ALA B 47 0.25 0.01 26.29
CA ALA B 47 -0.96 -0.68 26.73
C ALA B 47 -1.95 0.19 27.50
N THR B 48 -3.18 -0.31 27.62
CA THR B 48 -4.24 0.34 28.39
C THR B 48 -4.90 -0.67 29.32
N ALA B 49 -5.25 -1.83 28.78
CA ALA B 49 -5.86 -2.86 29.59
C ALA B 49 -5.00 -3.11 30.82
N VAL B 50 -5.54 -2.82 31.98
CA VAL B 50 -4.83 -2.96 33.24
C VAL B 50 -4.66 -4.36 33.82
N ASP B 51 -5.42 -5.34 33.35
CA ASP B 51 -5.25 -6.67 33.91
C ASP B 51 -3.96 -7.30 33.42
N LYS B 52 -3.34 -8.10 34.27
CA LYS B 52 -2.10 -8.76 33.91
C LYS B 52 -2.45 -9.89 32.94
N PRO B 53 -1.85 -9.88 31.74
CA PRO B 53 -2.03 -10.85 30.66
C PRO B 53 -1.43 -12.25 30.81
N THR B 54 -1.79 -13.14 29.89
CA THR B 54 -1.26 -14.50 29.89
C THR B 54 -0.32 -14.52 28.72
N ARG B 55 0.76 -15.28 28.86
CA ARG B 55 1.73 -15.41 27.80
C ARG B 55 2.09 -16.87 27.81
N PRO B 56 1.14 -17.71 27.37
CA PRO B 56 1.32 -19.16 27.32
C PRO B 56 2.65 -19.64 26.78
N ASP B 57 3.30 -18.81 25.95
CA ASP B 57 4.60 -19.19 25.42
C ASP B 57 4.54 -20.40 24.50
N VAL B 58 5.34 -21.43 24.81
CA VAL B 58 5.41 -22.64 24.00
C VAL B 58 4.11 -23.35 23.63
N SER B 59 3.10 -23.28 24.47
CA SER B 59 1.86 -23.97 24.16
C SER B 59 1.11 -23.31 23.02
N VAL B 60 1.45 -22.06 22.71
CA VAL B 60 0.77 -21.37 21.63
C VAL B 60 1.71 -20.89 20.52
N ASN B 61 2.90 -20.44 20.91
CA ASN B 61 3.88 -19.99 19.94
C ASN B 61 4.59 -21.23 19.42
N ARG B 62 4.04 -21.81 18.37
CA ARG B 62 4.59 -23.01 17.74
C ARG B 62 3.98 -23.19 16.35
N PHE B 63 4.54 -24.10 15.57
CA PHE B 63 4.03 -24.29 14.23
C PHE B 63 2.79 -25.14 14.09
N TYR B 64 1.79 -24.56 13.45
CA TYR B 64 0.54 -25.22 13.18
C TYR B 64 0.47 -25.36 11.68
N THR B 65 0.43 -26.59 11.17
CA THR B 65 0.34 -26.83 9.74
C THR B 65 -1.14 -26.97 9.40
N LEU B 66 -1.75 -25.81 9.09
CA LEU B 66 -3.16 -25.70 8.84
C LEU B 66 -3.86 -26.25 7.62
N ASP B 67 -3.18 -26.36 6.48
CA ASP B 67 -3.94 -26.82 5.34
C ASP B 67 -3.12 -27.00 4.09
N THR B 68 -3.67 -27.77 3.15
CA THR B 68 -3.00 -28.02 1.88
C THR B 68 -3.94 -27.72 0.73
N LYS B 69 -3.43 -27.02 -0.29
CA LYS B 69 -4.20 -26.70 -1.47
C LYS B 69 -3.51 -27.37 -2.64
N LEU B 70 -4.26 -27.63 -3.71
CA LEU B 70 -3.66 -28.26 -4.89
C LEU B 70 -3.46 -27.22 -5.98
N TRP B 71 -2.21 -27.02 -6.39
CA TRP B 71 -1.90 -26.05 -7.42
C TRP B 71 -2.16 -26.70 -8.76
N GLU B 72 -3.00 -26.06 -9.58
CA GLU B 72 -3.34 -26.58 -10.90
C GLU B 72 -3.13 -25.55 -11.98
N LYS B 73 -2.92 -26.02 -13.20
CA LYS B 73 -2.65 -25.14 -14.33
C LYS B 73 -3.66 -24.00 -14.51
N SER B 74 -4.74 -24.04 -13.75
CA SER B 74 -5.78 -23.02 -13.85
C SER B 74 -6.04 -22.26 -12.55
N SER B 75 -5.45 -22.71 -11.46
CA SER B 75 -5.63 -22.09 -10.15
C SER B 75 -5.57 -20.59 -10.21
N LYS B 76 -6.47 -19.94 -9.49
CA LYS B 76 -6.54 -18.48 -9.46
C LYS B 76 -5.74 -17.90 -8.32
N GLY B 77 -5.71 -18.62 -7.20
CA GLY B 77 -4.97 -18.15 -6.04
C GLY B 77 -5.86 -18.16 -4.82
N TRP B 78 -5.26 -18.25 -3.63
CA TRP B 78 -6.04 -18.26 -2.39
C TRP B 78 -5.53 -17.28 -1.38
N TYR B 79 -6.31 -17.11 -0.32
CA TYR B 79 -5.93 -16.22 0.76
C TYR B 79 -6.48 -16.75 2.07
N TRP B 80 -5.83 -16.37 3.15
CA TRP B 80 -6.27 -16.77 4.48
C TRP B 80 -6.21 -15.51 5.31
N LYS B 81 -7.26 -15.23 6.08
CA LYS B 81 -7.24 -14.06 6.94
C LYS B 81 -6.55 -14.62 8.16
N PHE B 82 -5.76 -13.82 8.85
CA PHE B 82 -5.01 -14.41 9.91
C PHE B 82 -5.41 -14.59 11.34
N PRO B 83 -5.43 -13.52 12.14
CA PRO B 83 -5.82 -13.78 13.54
C PRO B 83 -6.73 -15.02 13.59
N ASP B 84 -7.82 -14.96 12.82
CA ASP B 84 -8.83 -16.01 12.70
C ASP B 84 -8.36 -17.43 12.43
N VAL B 85 -7.71 -17.63 11.29
CA VAL B 85 -7.22 -18.96 10.87
C VAL B 85 -6.80 -19.95 11.97
N LEU B 86 -6.22 -19.44 13.04
CA LEU B 86 -5.75 -20.32 14.09
C LEU B 86 -6.68 -20.56 15.25
N THR B 87 -7.88 -19.99 15.20
CA THR B 87 -8.85 -20.20 16.26
C THR B 87 -9.32 -21.65 16.16
N GLU B 88 -10.00 -22.16 17.18
CA GLU B 88 -10.51 -23.53 17.12
C GLU B 88 -9.43 -24.59 17.04
N THR B 89 -8.21 -24.17 16.71
CA THR B 89 -7.07 -25.07 16.62
C THR B 89 -6.10 -24.83 17.78
N GLY B 90 -5.74 -25.92 18.44
CA GLY B 90 -4.80 -25.86 19.56
C GLY B 90 -5.10 -24.96 20.74
N VAL B 91 -4.10 -24.88 21.63
CA VAL B 91 -4.20 -24.07 22.84
C VAL B 91 -4.28 -22.61 22.48
N PHE B 92 -3.76 -22.26 21.31
CA PHE B 92 -3.82 -20.89 20.85
C PHE B 92 -5.29 -20.55 20.69
N GLY B 93 -5.97 -21.36 19.88
CA GLY B 93 -7.39 -21.15 19.64
C GLY B 93 -8.16 -20.94 20.93
N GLN B 94 -7.84 -21.71 21.96
CA GLN B 94 -8.53 -21.58 23.24
C GLN B 94 -8.33 -20.24 23.91
N ASN B 95 -7.08 -19.83 24.05
CA ASN B 95 -6.82 -18.55 24.69
C ASN B 95 -7.51 -17.44 23.94
N ALA B 96 -7.72 -17.64 22.64
CA ALA B 96 -8.37 -16.64 21.81
C ALA B 96 -9.88 -16.57 22.03
N GLN B 97 -10.48 -17.69 22.39
CA GLN B 97 -11.91 -17.69 22.60
C GLN B 97 -12.21 -17.26 24.02
N PHE B 98 -11.37 -17.72 24.94
CA PHE B 98 -11.53 -17.40 26.35
C PHE B 98 -11.23 -15.95 26.68
N HIS B 99 -10.26 -15.37 25.97
CA HIS B 99 -9.92 -13.97 26.22
C HIS B 99 -10.50 -13.02 25.20
N TYR B 100 -10.77 -11.81 25.66
CA TYR B 100 -11.32 -10.78 24.78
C TYR B 100 -10.20 -10.27 23.90
N LEU B 101 -9.12 -9.84 24.56
CA LEU B 101 -7.95 -9.27 23.91
C LEU B 101 -6.86 -10.26 23.50
N TYR B 102 -6.36 -10.07 22.28
CA TYR B 102 -5.30 -10.90 21.73
C TYR B 102 -4.27 -10.02 21.06
N ARG B 103 -3.04 -10.51 21.03
CA ARG B 103 -1.95 -9.77 20.45
C ARG B 103 -0.87 -10.79 20.11
N SER B 104 -0.27 -10.67 18.93
CA SER B 104 0.79 -11.61 18.53
C SER B 104 1.36 -11.38 17.12
N GLY B 105 2.56 -11.90 16.90
CA GLY B 105 3.20 -11.79 15.60
C GLY B 105 3.13 -13.18 15.01
N PHE B 106 3.62 -13.38 13.79
CA PHE B 106 3.56 -14.70 13.19
C PHE B 106 4.74 -15.03 12.32
N CYS B 107 5.07 -16.31 12.30
CA CYS B 107 6.11 -16.76 11.41
C CYS B 107 5.35 -17.64 10.43
N ILE B 108 5.22 -17.16 9.19
CA ILE B 108 4.49 -17.89 8.17
C ILE B 108 5.42 -18.59 7.21
N HIS B 109 5.27 -19.90 7.11
CA HIS B 109 6.10 -20.70 6.22
C HIS B 109 5.20 -21.44 5.25
N VAL B 110 5.15 -20.95 4.01
CA VAL B 110 4.36 -21.59 2.98
C VAL B 110 5.27 -22.51 2.20
N GLN B 111 4.86 -23.76 2.03
CA GLN B 111 5.71 -24.69 1.30
C GLN B 111 5.02 -25.35 0.13
N CYS B 112 5.81 -25.58 -0.91
CA CYS B 112 5.34 -26.20 -2.13
C CYS B 112 6.55 -26.60 -2.94
N ASN B 113 6.67 -27.89 -3.26
CA ASN B 113 7.81 -28.36 -4.03
C ASN B 113 7.36 -29.11 -5.27
N ALA B 114 8.31 -29.30 -6.18
CA ALA B 114 8.10 -30.00 -7.44
C ALA B 114 9.45 -30.50 -7.90
N SER B 115 9.57 -30.89 -9.17
CA SER B 115 10.84 -31.39 -9.67
C SER B 115 11.53 -30.35 -10.52
N LYS B 116 12.80 -30.58 -10.81
CA LYS B 116 13.54 -29.64 -11.62
C LYS B 116 12.96 -29.57 -13.02
N PHE B 117 11.95 -30.40 -13.30
CA PHE B 117 11.27 -30.42 -14.60
C PHE B 117 9.91 -29.74 -14.63
N HIS B 118 9.45 -29.28 -13.47
CA HIS B 118 8.19 -28.56 -13.36
C HIS B 118 8.57 -27.09 -13.37
N GLN B 119 7.58 -26.21 -13.51
CA GLN B 119 7.84 -24.77 -13.53
C GLN B 119 6.61 -23.99 -13.08
N GLY B 120 6.83 -22.82 -12.49
CA GLY B 120 5.72 -22.03 -12.03
C GLY B 120 6.21 -21.07 -10.97
N ALA B 121 5.39 -20.07 -10.61
CA ALA B 121 5.79 -19.10 -9.61
C ALA B 121 4.61 -18.56 -8.81
N LEU B 122 4.71 -18.69 -7.50
CA LEU B 122 3.67 -18.21 -6.59
C LEU B 122 4.09 -16.94 -5.90
N LEU B 123 3.14 -16.03 -5.73
CA LEU B 123 3.44 -14.82 -5.01
C LEU B 123 2.87 -15.02 -3.61
N VAL B 124 3.72 -14.92 -2.60
CA VAL B 124 3.26 -15.09 -1.24
C VAL B 124 3.42 -13.75 -0.53
N ALA B 125 2.31 -13.11 -0.21
CA ALA B 125 2.38 -11.82 0.44
C ALA B 125 1.48 -11.67 1.66
N ILE B 126 1.79 -10.66 2.46
CA ILE B 126 1.03 -10.37 3.65
C ILE B 126 0.40 -9.03 3.41
N LEU B 127 -0.92 -8.99 3.39
CA LEU B 127 -1.60 -7.73 3.18
C LEU B 127 -2.39 -7.39 4.43
N PRO B 128 -1.90 -6.42 5.21
CA PRO B 128 -2.53 -5.96 6.45
C PRO B 128 -3.92 -5.43 6.17
N GLU B 129 -4.82 -5.57 7.14
CA GLU B 129 -6.20 -5.10 7.01
C GLU B 129 -6.72 -5.43 5.61
N TYR B 130 -6.78 -6.72 5.30
CA TYR B 130 -7.23 -7.16 3.99
C TYR B 130 -8.75 -7.21 3.85
N VAL B 131 -9.35 -6.05 3.62
CA VAL B 131 -10.78 -5.94 3.45
C VAL B 131 -11.22 -6.47 2.10
N ILE B 132 -12.19 -7.39 2.12
CA ILE B 132 -12.72 -7.99 0.90
C ILE B 132 -13.90 -7.22 0.30
N GLY B 133 -14.00 -7.24 -1.03
CA GLY B 133 -15.11 -6.55 -1.68
C GLY B 133 -15.95 -7.51 -2.51
N THR B 134 -17.00 -6.99 -3.12
CA THR B 134 -17.85 -7.82 -3.96
C THR B 134 -17.89 -7.24 -5.34
N VAL B 135 -18.39 -8.03 -6.29
CA VAL B 135 -18.52 -7.60 -7.67
C VAL B 135 -19.68 -6.61 -7.82
N ALA B 136 -20.39 -6.38 -6.72
CA ALA B 136 -21.51 -5.45 -6.70
C ALA B 136 -22.63 -5.83 -7.66
N GLY B 137 -22.89 -7.13 -7.78
CA GLY B 137 -23.93 -7.59 -8.66
C GLY B 137 -23.61 -7.44 -10.14
N GLY B 138 -22.33 -7.41 -10.46
CA GLY B 138 -21.91 -7.30 -11.84
C GLY B 138 -22.05 -5.90 -12.42
N THR B 139 -23.28 -5.40 -12.47
CA THR B 139 -23.53 -4.07 -12.99
C THR B 139 -22.90 -3.02 -12.08
N GLY B 140 -22.75 -3.38 -10.81
CA GLY B 140 -22.15 -2.47 -9.85
C GLY B 140 -23.18 -1.51 -9.27
N THR B 141 -24.45 -1.82 -9.46
CA THR B 141 -25.50 -0.97 -8.95
C THR B 141 -25.96 -1.51 -7.60
N GLU B 142 -25.81 -2.82 -7.42
CA GLU B 142 -26.22 -3.47 -6.18
C GLU B 142 -25.11 -3.41 -5.13
N ASP B 143 -25.44 -2.93 -3.93
CA ASP B 143 -24.48 -2.82 -2.82
C ASP B 143 -24.36 -4.12 -2.02
N SER B 144 -23.83 -5.16 -2.64
CA SER B 144 -23.67 -6.44 -1.96
C SER B 144 -22.49 -6.40 -0.99
N HIS B 145 -22.38 -7.40 -0.13
CA HIS B 145 -21.31 -7.46 0.84
C HIS B 145 -20.86 -8.90 1.02
N PRO B 146 -19.55 -9.12 1.15
CA PRO B 146 -19.02 -10.47 1.32
C PRO B 146 -19.46 -11.07 2.65
N PRO B 147 -19.90 -12.34 2.63
CA PRO B 147 -20.38 -13.11 3.79
C PRO B 147 -19.30 -13.54 4.82
N TYR B 148 -19.74 -13.81 6.05
CA TYR B 148 -18.82 -14.23 7.11
C TYR B 148 -17.97 -15.41 6.63
N LYS B 149 -18.49 -16.13 5.64
CA LYS B 149 -17.79 -17.30 5.09
C LYS B 149 -16.63 -16.88 4.20
N GLN B 150 -16.74 -15.69 3.62
CA GLN B 150 -15.71 -15.19 2.72
C GLN B 150 -14.73 -14.29 3.41
N THR B 151 -15.20 -13.47 4.32
CA THR B 151 -14.32 -12.55 5.03
C THR B 151 -13.46 -13.25 6.06
N GLN B 152 -14.01 -14.26 6.73
CA GLN B 152 -13.25 -14.99 7.73
C GLN B 152 -13.40 -16.50 7.54
N PRO B 153 -12.75 -17.04 6.49
CA PRO B 153 -12.82 -18.47 6.20
C PRO B 153 -12.09 -19.37 7.19
N GLY B 154 -11.18 -18.80 7.98
CA GLY B 154 -10.43 -19.61 8.92
C GLY B 154 -9.47 -20.49 8.15
N ALA B 155 -9.19 -21.70 8.64
CA ALA B 155 -8.30 -22.59 7.91
C ALA B 155 -9.00 -22.86 6.59
N ASP B 156 -8.50 -23.77 5.78
CA ASP B 156 -9.17 -24.05 4.49
C ASP B 156 -9.09 -22.85 3.56
N GLY B 157 -8.87 -21.68 4.14
CA GLY B 157 -8.78 -20.47 3.35
C GLY B 157 -9.94 -20.27 2.40
N PHE B 158 -9.71 -19.43 1.39
CA PHE B 158 -10.72 -19.11 0.40
C PHE B 158 -10.04 -18.82 -0.94
N GLU B 159 -10.66 -19.23 -2.03
CA GLU B 159 -10.10 -19.01 -3.35
C GLU B 159 -10.52 -17.66 -3.90
N LEU B 160 -9.62 -16.98 -4.60
CA LEU B 160 -9.92 -15.69 -5.19
C LEU B 160 -10.75 -15.88 -6.44
N GLN B 161 -11.57 -14.90 -6.79
CA GLN B 161 -12.38 -15.00 -7.99
C GLN B 161 -11.92 -14.01 -9.04
N HIS B 162 -11.25 -12.95 -8.59
CA HIS B 162 -10.72 -11.91 -9.46
C HIS B 162 -9.41 -11.45 -8.88
N PRO B 163 -8.41 -12.33 -8.88
CA PRO B 163 -7.08 -12.08 -8.35
C PRO B 163 -6.44 -10.79 -8.89
N TYR B 164 -6.68 -10.49 -10.15
CA TYR B 164 -6.11 -9.29 -10.75
C TYR B 164 -6.35 -8.07 -9.86
N VAL B 165 -7.51 -8.03 -9.21
CA VAL B 165 -7.87 -6.93 -8.33
C VAL B 165 -7.98 -7.39 -6.87
N LEU B 166 -7.48 -8.59 -6.62
CA LEU B 166 -7.49 -9.16 -5.28
C LEU B 166 -8.88 -9.10 -4.67
N ASP B 167 -9.90 -9.28 -5.49
CA ASP B 167 -11.29 -9.25 -5.02
C ASP B 167 -11.56 -8.03 -4.16
N ALA B 168 -10.83 -6.94 -4.41
CA ALA B 168 -11.01 -5.74 -3.62
C ALA B 168 -10.73 -4.46 -4.38
N GLY B 169 -10.66 -4.57 -5.70
CA GLY B 169 -10.42 -3.40 -6.54
C GLY B 169 -9.04 -2.81 -6.44
N ILE B 170 -8.06 -3.63 -6.08
CA ILE B 170 -6.69 -3.16 -5.99
C ILE B 170 -5.81 -4.06 -6.85
N PRO B 171 -4.88 -3.46 -7.60
CA PRO B 171 -3.98 -4.19 -8.48
C PRO B 171 -3.05 -5.12 -7.75
N ILE B 172 -3.04 -6.39 -8.13
CA ILE B 172 -2.15 -7.32 -7.47
C ILE B 172 -0.73 -7.00 -7.95
N SER B 173 -0.63 -6.40 -9.13
CA SER B 173 0.67 -6.04 -9.67
C SER B 173 1.48 -5.24 -8.68
N GLN B 174 0.79 -4.59 -7.74
CA GLN B 174 1.45 -3.78 -6.73
C GLN B 174 1.45 -4.40 -5.35
N LEU B 175 0.96 -5.63 -5.25
CA LEU B 175 0.92 -6.30 -3.96
C LEU B 175 2.28 -6.46 -3.31
N THR B 176 3.34 -6.32 -4.10
CA THR B 176 4.68 -6.48 -3.54
C THR B 176 5.17 -5.38 -2.61
N VAL B 177 4.39 -4.33 -2.40
CA VAL B 177 4.82 -3.29 -1.45
C VAL B 177 4.49 -3.82 -0.06
N CYS B 178 4.14 -5.11 -0.03
CA CYS B 178 3.81 -5.76 1.22
C CYS B 178 4.83 -6.84 1.43
N PRO B 179 5.11 -7.16 2.70
CA PRO B 179 6.08 -8.22 2.98
C PRO B 179 5.69 -9.42 2.16
N HIS B 180 6.48 -9.73 1.13
CA HIS B 180 6.16 -10.86 0.29
C HIS B 180 7.40 -11.69 0.04
N GLN B 181 7.23 -12.69 -0.81
CA GLN B 181 8.32 -13.57 -1.16
C GLN B 181 7.71 -14.44 -2.26
N TRP B 182 8.53 -14.95 -3.16
CA TRP B 182 8.01 -15.76 -4.25
C TRP B 182 8.43 -17.22 -4.14
N ILE B 183 7.63 -18.12 -4.69
CA ILE B 183 8.02 -19.51 -4.72
C ILE B 183 8.14 -19.85 -6.21
N ASN B 184 9.36 -19.73 -6.72
CA ASN B 184 9.66 -20.00 -8.12
C ASN B 184 10.25 -21.41 -8.10
N LEU B 185 9.53 -22.37 -8.65
CA LEU B 185 9.98 -23.75 -8.63
C LEU B 185 11.41 -24.04 -9.08
N ARG B 186 11.88 -23.37 -10.13
CA ARG B 186 13.24 -23.60 -10.59
C ARG B 186 14.26 -23.12 -9.54
N THR B 187 13.80 -22.26 -8.64
CA THR B 187 14.66 -21.68 -7.61
C THR B 187 14.47 -22.19 -6.19
N ASN B 188 13.26 -22.09 -5.64
CA ASN B 188 13.03 -22.54 -4.28
C ASN B 188 11.75 -23.35 -4.10
N ASN B 189 11.47 -23.75 -2.86
CA ASN B 189 10.27 -24.52 -2.55
C ASN B 189 9.53 -24.09 -1.28
N CYS B 190 9.70 -22.83 -0.88
CA CYS B 190 9.02 -22.35 0.32
C CYS B 190 9.25 -20.87 0.58
N ALA B 191 8.27 -20.26 1.23
CA ALA B 191 8.32 -18.85 1.57
C ALA B 191 8.28 -18.73 3.09
N THR B 192 9.03 -17.78 3.61
CA THR B 192 9.07 -17.58 5.05
C THR B 192 8.98 -16.10 5.34
N ILE B 193 7.90 -15.72 5.99
CA ILE B 193 7.70 -14.33 6.32
C ILE B 193 7.35 -14.21 7.78
N ILE B 194 8.07 -13.34 8.47
CA ILE B 194 7.81 -13.12 9.87
C ILE B 194 7.09 -11.80 10.01
N VAL B 195 5.89 -11.83 10.56
CA VAL B 195 5.09 -10.63 10.70
C VAL B 195 4.91 -10.20 12.14
N PRO B 196 5.12 -8.90 12.41
CA PRO B 196 4.98 -8.34 13.76
C PRO B 196 3.52 -7.97 13.98
N TYR B 197 3.12 -7.71 15.22
CA TYR B 197 1.74 -7.34 15.44
C TYR B 197 1.49 -5.97 14.82
N MET B 198 0.51 -5.90 13.93
CA MET B 198 0.18 -4.64 13.28
C MET B 198 -1.30 -4.31 13.44
N ASN B 199 -1.56 -3.20 14.15
CA ASN B 199 -2.91 -2.74 14.41
C ASN B 199 -2.74 -1.33 14.95
N THR B 200 -3.84 -0.60 15.12
CA THR B 200 -3.79 0.75 15.66
C THR B 200 -4.06 0.71 17.16
N LEU B 201 -4.16 -0.51 17.70
CA LEU B 201 -4.42 -0.74 19.10
C LEU B 201 -3.43 -1.76 19.64
N PRO B 202 -3.11 -1.69 20.93
CA PRO B 202 -2.16 -2.63 21.52
C PRO B 202 -2.67 -4.08 21.51
N PHE B 203 -3.98 -4.24 21.68
CA PHE B 203 -4.62 -5.56 21.68
C PHE B 203 -5.95 -5.39 20.96
N ASP B 204 -6.49 -6.49 20.44
CA ASP B 204 -7.78 -6.42 19.77
C ASP B 204 -8.36 -7.82 19.83
N SER B 205 -9.60 -7.98 19.39
CA SER B 205 -10.23 -9.29 19.44
C SER B 205 -9.89 -10.21 18.28
N ALA B 206 -9.29 -11.35 18.59
CA ALA B 206 -8.92 -12.35 17.60
C ALA B 206 -10.14 -12.79 16.79
N LEU B 207 -11.32 -12.56 17.37
CA LEU B 207 -12.55 -12.95 16.73
C LEU B 207 -13.08 -12.00 15.67
N ASN B 208 -13.43 -10.76 16.02
CA ASN B 208 -13.94 -9.88 14.96
C ASN B 208 -12.92 -9.10 14.17
N HIS B 209 -11.64 -9.22 14.46
CA HIS B 209 -10.67 -8.47 13.67
C HIS B 209 -9.52 -9.33 13.15
N CYS B 210 -9.23 -9.17 11.86
CA CYS B 210 -8.15 -9.91 11.21
C CYS B 210 -7.07 -8.98 10.72
N ASN B 211 -6.06 -8.80 11.57
CA ASN B 211 -4.94 -7.92 11.31
C ASN B 211 -4.33 -7.96 9.93
N PHE B 212 -4.48 -9.08 9.23
CA PHE B 212 -3.91 -9.15 7.91
C PHE B 212 -4.30 -10.43 7.23
N GLY B 213 -4.05 -10.49 5.93
CA GLY B 213 -4.38 -11.66 5.17
C GLY B 213 -3.14 -12.15 4.45
N LEU B 214 -3.10 -13.45 4.22
CA LEU B 214 -1.99 -14.08 3.53
C LEU B 214 -2.45 -14.44 2.12
N LEU B 215 -1.76 -13.90 1.13
CA LEU B 215 -2.11 -14.20 -0.25
C LEU B 215 -1.09 -15.10 -0.90
N VAL B 216 -1.59 -16.14 -1.56
CA VAL B 216 -0.74 -17.10 -2.28
C VAL B 216 -1.32 -17.16 -3.68
N VAL B 217 -0.70 -16.45 -4.61
CA VAL B 217 -1.21 -16.41 -5.95
C VAL B 217 -0.22 -16.79 -7.04
N PRO B 218 -0.65 -17.65 -7.98
CA PRO B 218 0.17 -18.12 -9.10
C PRO B 218 0.20 -17.02 -10.14
N ILE B 219 1.36 -16.39 -10.32
CA ILE B 219 1.49 -15.33 -11.29
C ILE B 219 1.99 -15.90 -12.59
N SER B 220 2.88 -16.88 -12.49
CA SER B 220 3.39 -17.59 -13.65
C SER B 220 2.79 -18.97 -13.44
N PRO B 221 1.85 -19.36 -14.30
CA PRO B 221 1.17 -20.66 -14.20
C PRO B 221 2.05 -21.88 -14.09
N LEU B 222 1.53 -22.87 -13.37
CA LEU B 222 2.21 -24.14 -13.19
C LEU B 222 2.13 -24.90 -14.50
N ASP B 223 3.21 -25.55 -14.90
CA ASP B 223 3.17 -26.31 -16.13
C ASP B 223 4.20 -27.44 -16.09
N PHE B 224 3.97 -28.47 -16.89
CA PHE B 224 4.86 -29.62 -16.94
C PHE B 224 4.41 -30.58 -18.03
N ASP B 225 5.36 -31.31 -18.60
CA ASP B 225 5.04 -32.26 -19.64
C ASP B 225 4.30 -33.41 -18.96
N GLN B 226 3.40 -34.06 -19.69
CA GLN B 226 2.64 -35.15 -19.10
C GLN B 226 3.47 -36.36 -18.73
N GLY B 227 3.16 -36.93 -17.56
CA GLY B 227 3.89 -38.09 -17.08
C GLY B 227 4.57 -37.79 -15.75
N ALA B 228 4.78 -36.51 -15.49
CA ALA B 228 5.41 -36.07 -14.25
C ALA B 228 4.28 -35.95 -13.23
N THR B 229 4.55 -36.28 -11.97
CA THR B 229 3.50 -36.22 -10.96
C THR B 229 2.77 -34.89 -11.05
N PRO B 230 1.46 -34.94 -11.38
CA PRO B 230 0.50 -33.85 -11.57
C PRO B 230 -0.13 -33.26 -10.32
N VAL B 231 0.22 -33.81 -9.16
CA VAL B 231 -0.34 -33.32 -7.92
C VAL B 231 0.65 -32.47 -7.17
N ILE B 232 0.65 -31.17 -7.42
CA ILE B 232 1.56 -30.26 -6.75
C ILE B 232 0.79 -29.49 -5.69
N PRO B 233 0.94 -29.89 -4.42
CA PRO B 233 0.25 -29.23 -3.31
C PRO B 233 1.01 -28.06 -2.75
N ILE B 234 0.28 -27.22 -2.02
CA ILE B 234 0.81 -26.05 -1.36
C ILE B 234 0.32 -26.19 0.07
N THR B 235 1.23 -26.17 1.02
CA THR B 235 0.84 -26.31 2.41
C THR B 235 1.19 -25.07 3.22
N ILE B 236 0.27 -24.65 4.07
CA ILE B 236 0.49 -23.47 4.89
C ILE B 236 0.80 -23.83 6.33
N THR B 237 1.98 -23.46 6.79
CA THR B 237 2.34 -23.71 8.17
C THR B 237 2.65 -22.35 8.78
N LEU B 238 2.21 -22.14 10.01
CA LEU B 238 2.42 -20.85 10.65
C LEU B 238 2.54 -20.96 12.15
N ALA B 239 3.23 -20.01 12.74
CA ALA B 239 3.41 -20.02 14.18
C ALA B 239 3.28 -18.64 14.80
N PRO B 240 2.44 -18.54 15.83
CA PRO B 240 2.23 -17.26 16.53
C PRO B 240 3.51 -16.96 17.28
N MET B 241 3.79 -15.69 17.51
CA MET B 241 5.00 -15.31 18.23
C MET B 241 4.64 -14.21 19.20
N CYS B 242 5.10 -14.36 20.45
CA CYS B 242 4.82 -13.37 21.49
C CYS B 242 3.33 -13.21 21.74
N SER B 243 2.61 -14.31 21.70
CA SER B 243 1.17 -14.27 21.92
C SER B 243 0.90 -13.79 23.34
N GLU B 244 -0.02 -12.85 23.46
CA GLU B 244 -0.41 -12.28 24.75
C GLU B 244 -1.93 -12.19 24.79
N PHE B 245 -2.52 -12.57 25.92
CA PHE B 245 -3.97 -12.49 26.05
C PHE B 245 -4.39 -11.86 27.34
N ALA B 246 -5.53 -11.18 27.31
CA ALA B 246 -6.08 -10.53 28.49
C ALA B 246 -7.58 -10.42 28.28
N GLY B 247 -8.31 -10.09 29.35
CA GLY B 247 -9.75 -9.97 29.28
C GLY B 247 -10.37 -11.35 29.32
N LEU B 248 -10.13 -12.04 30.42
CA LEU B 248 -10.64 -13.39 30.60
C LEU B 248 -12.10 -13.43 31.01
N ARG B 249 -12.83 -14.34 30.37
CA ARG B 249 -14.26 -14.57 30.58
C ARG B 249 -14.48 -16.03 30.18
N GLN B 250 -15.68 -16.38 29.73
CA GLN B 250 -15.93 -17.75 29.30
C GLN B 250 -15.47 -17.83 27.87
N ALA B 251 -15.57 -19.01 27.25
CA ALA B 251 -15.13 -19.16 25.87
C ALA B 251 -16.18 -18.71 24.87
N VAL B 252 -15.80 -17.81 23.98
CA VAL B 252 -16.70 -17.29 22.97
C VAL B 252 -16.19 -17.72 21.59
N THR B 253 -17.08 -18.22 20.74
CA THR B 253 -16.70 -18.69 19.40
C THR B 253 -16.58 -17.58 18.38
N GLN B 254 -17.50 -16.63 18.44
CA GLN B 254 -17.53 -15.51 17.51
C GLN B 254 -18.43 -14.41 18.06
N GLY C 1 -7.23 51.72 16.91
CA GLY C 1 -6.51 50.48 16.48
C GLY C 1 -5.24 50.72 15.67
N PHE C 2 -4.43 49.67 15.58
CA PHE C 2 -3.16 49.69 14.86
C PHE C 2 -3.37 49.72 13.35
N PRO C 3 -2.78 50.72 12.67
CA PRO C 3 -2.85 50.95 11.23
C PRO C 3 -2.44 49.79 10.34
N THR C 4 -3.37 49.29 9.54
CA THR C 4 -3.09 48.20 8.63
C THR C 4 -3.62 48.55 7.24
N GLU C 5 -3.19 47.80 6.23
CA GLU C 5 -3.62 48.06 4.86
C GLU C 5 -3.62 46.71 4.13
N PRO C 6 -4.78 46.02 4.08
CA PRO C 6 -4.98 44.72 3.42
C PRO C 6 -4.61 44.73 1.94
N LYS C 7 -3.93 43.67 1.51
CA LYS C 7 -3.46 43.58 0.14
C LYS C 7 -4.16 42.54 -0.74
N PRO C 8 -3.85 42.55 -2.04
CA PRO C 8 -4.45 41.58 -2.95
C PRO C 8 -4.19 40.17 -2.42
N GLY C 9 -5.21 39.33 -2.49
CA GLY C 9 -5.08 37.97 -2.01
C GLY C 9 -5.93 37.84 -0.78
N THR C 10 -6.40 38.99 -0.29
CA THR C 10 -7.24 39.02 0.89
C THR C 10 -8.50 38.16 0.65
N ASN C 11 -8.90 37.42 1.68
CA ASN C 11 -10.09 36.56 1.63
C ASN C 11 -10.05 35.38 0.68
N GLN C 12 -8.97 35.25 -0.09
CA GLN C 12 -8.92 34.14 -1.01
C GLN C 12 -8.66 32.86 -0.25
N PHE C 13 -9.16 31.77 -0.78
CA PHE C 13 -8.96 30.49 -0.15
C PHE C 13 -8.02 29.73 -1.08
N LEU C 14 -6.77 29.57 -0.65
CA LEU C 14 -5.79 28.87 -1.45
C LEU C 14 -5.59 27.45 -0.92
N THR C 15 -6.11 26.49 -1.66
CA THR C 15 -6.01 25.08 -1.34
C THR C 15 -4.71 24.73 -0.64
N THR C 16 -3.60 24.99 -1.32
CA THR C 16 -2.28 24.67 -0.80
C THR C 16 -1.70 25.68 0.19
N ASP C 17 -2.45 26.73 0.50
CA ASP C 17 -1.93 27.69 1.46
C ASP C 17 -1.86 27.00 2.80
N ASP C 18 -0.70 27.12 3.43
CA ASP C 18 -0.46 26.50 4.72
C ASP C 18 -0.40 27.54 5.85
N GLY C 19 -1.56 27.84 6.43
CA GLY C 19 -1.60 28.82 7.51
C GLY C 19 -2.23 28.21 8.75
N VAL C 20 -2.69 29.05 9.66
CA VAL C 20 -3.31 28.53 10.86
C VAL C 20 -4.81 28.80 10.89
N SER C 21 -5.49 28.18 11.84
CA SER C 21 -6.92 28.36 11.98
C SER C 21 -7.34 27.97 13.39
N ALA C 22 -8.31 28.69 13.91
CA ALA C 22 -8.81 28.47 15.25
C ALA C 22 -9.09 27.00 15.52
N PRO C 23 -8.66 26.51 16.69
CA PRO C 23 -8.88 25.11 17.06
C PRO C 23 -10.29 24.94 17.62
N ILE C 24 -11.00 23.91 17.17
CA ILE C 24 -12.36 23.69 17.63
C ILE C 24 -12.45 23.14 19.04
N LEU C 25 -11.45 22.41 19.49
CA LEU C 25 -11.50 21.84 20.83
C LEU C 25 -10.40 22.32 21.76
N PRO C 26 -10.75 23.25 22.65
CA PRO C 26 -9.77 23.78 23.59
C PRO C 26 -9.30 22.70 24.56
N ASN C 27 -7.99 22.65 24.76
CA ASN C 27 -7.36 21.71 25.67
C ASN C 27 -7.58 20.23 25.38
N PHE C 28 -8.01 19.92 24.16
CA PHE C 28 -8.25 18.53 23.79
C PHE C 28 -6.90 17.84 23.63
N HIS C 29 -6.80 16.60 24.12
CA HIS C 29 -5.55 15.87 24.00
C HIS C 29 -5.78 14.55 23.30
N PRO C 30 -5.14 14.35 22.14
CA PRO C 30 -5.26 13.13 21.32
C PRO C 30 -4.90 11.83 22.01
N THR C 31 -5.34 10.73 21.40
CA THR C 31 -5.03 9.43 21.95
C THR C 31 -3.54 9.26 21.73
N PRO C 32 -2.83 8.66 22.70
CA PRO C 32 -1.39 8.44 22.57
C PRO C 32 -1.10 7.71 21.26
N CYS C 33 0.08 7.89 20.71
CA CYS C 33 0.38 7.18 19.49
C CYS C 33 1.25 5.97 19.73
N ILE C 34 0.61 4.80 19.75
CA ILE C 34 1.28 3.51 19.94
C ILE C 34 2.38 3.36 18.90
N HIS C 35 3.19 2.33 19.04
CA HIS C 35 4.20 2.10 18.03
C HIS C 35 3.57 1.13 17.05
N ILE C 36 3.60 1.49 15.78
CA ILE C 36 3.03 0.65 14.73
C ILE C 36 4.08 0.35 13.68
N PRO C 37 4.11 -0.89 13.18
CA PRO C 37 5.10 -1.25 12.16
C PRO C 37 4.85 -0.60 10.80
N GLY C 38 5.92 -0.50 10.01
CA GLY C 38 5.79 0.06 8.67
C GLY C 38 5.43 1.52 8.50
N GLU C 39 5.97 2.39 9.34
CA GLU C 39 5.65 3.80 9.16
C GLU C 39 6.38 4.33 7.94
N VAL C 40 5.67 5.14 7.15
CA VAL C 40 6.25 5.74 5.96
C VAL C 40 6.60 7.19 6.27
N ARG C 41 7.73 7.66 5.75
CA ARG C 41 8.18 9.03 5.96
C ARG C 41 8.20 9.84 4.68
N ASN C 42 8.64 9.21 3.60
CA ASN C 42 8.72 9.87 2.30
C ASN C 42 8.22 8.90 1.23
N LEU C 43 7.51 9.41 0.22
CA LEU C 43 6.98 8.56 -0.84
C LEU C 43 8.09 7.88 -1.62
N LEU C 44 9.25 8.54 -1.66
CA LEU C 44 10.38 7.97 -2.37
C LEU C 44 10.66 6.58 -1.81
N GLU C 45 10.39 6.41 -0.51
CA GLU C 45 10.58 5.13 0.14
C GLU C 45 9.82 4.08 -0.65
N LEU C 46 8.62 4.42 -1.11
CA LEU C 46 7.80 3.49 -1.87
C LEU C 46 8.25 3.32 -3.33
N CYS C 47 8.82 4.36 -3.91
CA CYS C 47 9.27 4.27 -5.29
C CYS C 47 10.42 3.33 -5.51
N GLN C 48 11.14 2.96 -4.46
CA GLN C 48 12.26 2.08 -4.66
C GLN C 48 11.86 0.62 -4.47
N VAL C 49 10.57 0.40 -4.32
CA VAL C 49 10.02 -0.94 -4.14
C VAL C 49 9.55 -1.47 -5.49
N GLU C 50 10.04 -2.66 -5.84
CA GLU C 50 9.66 -3.25 -7.10
C GLU C 50 8.24 -3.77 -7.09
N THR C 51 7.55 -3.49 -8.19
CA THR C 51 6.18 -3.91 -8.39
C THR C 51 6.15 -4.47 -9.79
N ILE C 52 5.19 -5.35 -10.05
CA ILE C 52 5.09 -6.00 -11.35
C ILE C 52 4.78 -5.05 -12.48
N LEU C 53 5.66 -5.07 -13.47
CA LEU C 53 5.53 -4.24 -14.65
C LEU C 53 4.79 -5.04 -15.71
N GLU C 54 3.60 -4.58 -16.09
CA GLU C 54 2.81 -5.26 -17.09
C GLU C 54 3.39 -5.02 -18.46
N VAL C 55 4.47 -5.71 -18.78
CA VAL C 55 5.10 -5.54 -20.08
C VAL C 55 4.12 -6.07 -21.12
N ASN C 56 3.49 -7.19 -20.78
CA ASN C 56 2.54 -7.80 -21.69
C ASN C 56 1.15 -7.19 -21.51
N ASN C 57 1.06 -5.87 -21.67
CA ASN C 57 -0.22 -5.19 -21.52
C ASN C 57 -1.03 -5.30 -22.80
N VAL C 58 -1.32 -6.53 -23.22
CA VAL C 58 -2.08 -6.78 -24.43
C VAL C 58 -3.48 -7.36 -24.20
N PRO C 59 -3.60 -8.48 -23.45
CA PRO C 59 -4.86 -9.17 -23.12
C PRO C 59 -5.87 -8.29 -22.38
N THR C 60 -7.16 -8.53 -22.62
CA THR C 60 -8.21 -7.74 -21.95
C THR C 60 -9.51 -8.53 -21.61
N ASN C 61 -9.53 -9.82 -21.92
CA ASN C 61 -10.70 -10.67 -21.70
C ASN C 61 -11.28 -10.78 -20.28
N ALA C 62 -10.71 -10.04 -19.34
CA ALA C 62 -11.19 -10.08 -17.95
C ALA C 62 -10.98 -11.48 -17.35
N THR C 63 -10.67 -12.44 -18.22
CA THR C 63 -10.41 -13.82 -17.83
C THR C 63 -8.91 -14.01 -17.98
N SER C 64 -8.35 -13.16 -18.83
CA SER C 64 -6.94 -13.22 -19.12
C SER C 64 -6.17 -12.02 -18.61
N LEU C 65 -6.76 -11.30 -17.66
CA LEU C 65 -6.06 -10.13 -17.14
C LEU C 65 -4.79 -10.51 -16.40
N MET C 66 -4.81 -11.66 -15.74
CA MET C 66 -3.64 -12.11 -15.00
C MET C 66 -2.48 -12.42 -15.94
N GLU C 67 -2.79 -12.51 -17.22
CA GLU C 67 -1.81 -12.82 -18.24
C GLU C 67 -0.87 -11.68 -18.53
N ARG C 68 -1.26 -10.47 -18.16
CA ARG C 68 -0.42 -9.30 -18.45
C ARG C 68 0.80 -9.26 -17.54
N LEU C 69 0.65 -9.82 -16.35
CA LEU C 69 1.74 -9.82 -15.39
C LEU C 69 3.02 -10.52 -15.81
N ARG C 70 3.00 -11.23 -16.94
CA ARG C 70 4.20 -11.92 -17.39
C ARG C 70 4.19 -12.24 -18.87
N PHE C 71 5.35 -12.08 -19.52
CA PHE C 71 5.46 -12.38 -20.95
C PHE C 71 6.22 -13.67 -21.15
N PRO C 72 5.96 -14.36 -22.26
CA PRO C 72 6.61 -15.64 -22.54
C PRO C 72 7.94 -15.52 -23.27
N VAL C 73 8.66 -16.62 -23.20
CA VAL C 73 9.95 -16.77 -23.83
C VAL C 73 9.90 -18.26 -24.14
N SER C 74 10.21 -18.65 -25.37
CA SER C 74 10.15 -20.05 -25.74
C SER C 74 11.23 -20.40 -26.73
N ALA C 75 11.51 -21.69 -26.83
CA ALA C 75 12.53 -22.20 -27.74
C ALA C 75 12.31 -21.64 -29.13
N GLN C 76 13.23 -20.82 -29.59
CA GLN C 76 13.13 -20.24 -30.91
C GLN C 76 13.95 -21.10 -31.85
N ALA C 77 13.99 -20.71 -33.12
CA ALA C 77 14.76 -21.45 -34.10
C ALA C 77 15.84 -20.53 -34.69
N GLY C 78 15.42 -19.37 -35.15
CA GLY C 78 16.37 -18.45 -35.75
C GLY C 78 17.48 -17.94 -34.85
N LYS C 79 17.86 -16.70 -35.12
CA LYS C 79 18.89 -16.03 -34.37
C LYS C 79 18.45 -14.59 -34.09
N GLY C 80 18.70 -14.14 -32.87
CA GLY C 80 18.36 -12.78 -32.48
C GLY C 80 16.91 -12.37 -32.63
N GLU C 81 15.99 -13.28 -32.33
CA GLU C 81 14.57 -12.98 -32.43
C GLU C 81 14.19 -12.01 -31.33
N LEU C 82 13.24 -11.13 -31.63
CA LEU C 82 12.79 -10.12 -30.67
C LEU C 82 11.75 -10.72 -29.73
N CYS C 83 11.97 -10.58 -28.43
CA CYS C 83 11.03 -11.11 -27.46
C CYS C 83 9.91 -10.13 -27.14
N ALA C 84 10.27 -9.01 -26.53
CA ALA C 84 9.29 -7.99 -26.17
C ALA C 84 9.91 -6.62 -26.26
N VAL C 85 9.06 -5.60 -26.18
CA VAL C 85 9.50 -4.20 -26.27
C VAL C 85 8.61 -3.28 -25.45
N PHE C 86 9.16 -2.17 -24.95
CA PHE C 86 8.36 -1.22 -24.19
C PHE C 86 9.10 0.08 -23.90
N ARG C 87 8.32 1.13 -23.62
CA ARG C 87 8.87 2.45 -23.32
C ARG C 87 9.44 2.50 -21.91
N ALA C 88 10.53 3.24 -21.75
CA ALA C 88 11.15 3.36 -20.43
C ALA C 88 10.38 4.40 -19.62
N ASP C 89 9.66 5.27 -20.31
CA ASP C 89 8.90 6.33 -19.66
C ASP C 89 7.96 5.71 -18.63
N PRO C 90 8.07 6.13 -17.35
CA PRO C 90 7.28 5.65 -16.21
C PRO C 90 6.00 6.42 -15.95
N GLY C 91 5.98 7.69 -16.32
CA GLY C 91 4.78 8.48 -16.08
C GLY C 91 3.83 8.44 -17.26
N ARG C 92 4.27 7.73 -18.29
CA ARG C 92 3.51 7.59 -19.52
C ARG C 92 2.58 6.40 -19.42
N ASP C 93 1.54 6.42 -20.26
CA ASP C 93 0.60 5.32 -20.29
C ASP C 93 1.36 4.12 -20.79
N GLY C 94 0.88 2.94 -20.45
CA GLY C 94 1.57 1.74 -20.90
C GLY C 94 1.79 0.77 -19.77
N PRO C 95 2.88 -0.01 -19.84
CA PRO C 95 3.19 -1.01 -18.82
C PRO C 95 3.46 -0.42 -17.45
N TRP C 96 4.19 0.69 -17.41
CA TRP C 96 4.51 1.28 -16.13
C TRP C 96 3.32 1.60 -15.25
N GLN C 97 2.16 1.75 -15.87
CA GLN C 97 0.95 2.05 -15.11
C GLN C 97 0.57 0.98 -14.10
N SER C 98 1.14 -0.21 -14.24
CA SER C 98 0.79 -1.30 -13.33
C SER C 98 1.63 -1.23 -12.08
N THR C 99 2.70 -0.45 -12.15
CA THR C 99 3.61 -0.33 -11.03
C THR C 99 3.29 0.80 -10.08
N MET C 100 3.71 0.61 -8.83
CA MET C 100 3.51 1.59 -7.75
C MET C 100 4.26 2.87 -8.10
N LEU C 101 5.37 2.71 -8.81
CA LEU C 101 6.18 3.85 -9.19
C LEU C 101 5.35 4.67 -10.16
N GLY C 102 4.94 4.04 -11.25
CA GLY C 102 4.14 4.73 -12.24
C GLY C 102 2.96 5.42 -11.59
N GLN C 103 2.34 4.73 -10.65
CA GLN C 103 1.19 5.30 -9.97
C GLN C 103 1.48 6.55 -9.16
N LEU C 104 2.59 6.54 -8.43
CA LEU C 104 3.01 7.68 -7.62
C LEU C 104 3.49 8.82 -8.48
N CYS C 105 3.90 8.51 -9.71
CA CYS C 105 4.34 9.56 -10.62
C CYS C 105 3.15 10.39 -11.03
N GLY C 106 2.03 9.72 -11.28
CA GLY C 106 0.83 10.45 -11.67
C GLY C 106 0.61 11.64 -10.75
N TYR C 107 1.09 11.53 -9.52
CA TYR C 107 0.91 12.61 -8.56
C TYR C 107 1.92 13.75 -8.63
N TYR C 108 2.99 13.61 -9.41
CA TYR C 108 3.98 14.67 -9.56
C TYR C 108 4.23 15.03 -11.01
N THR C 109 4.38 16.32 -11.29
CA THR C 109 4.59 16.78 -12.65
C THR C 109 5.92 16.37 -13.29
N GLN C 110 6.99 16.38 -12.52
CA GLN C 110 8.31 16.03 -13.04
C GLN C 110 9.05 15.05 -12.15
N TRP C 111 10.03 14.36 -12.73
CA TRP C 111 10.84 13.39 -12.00
C TRP C 111 12.28 13.36 -12.51
N SER C 112 13.13 12.67 -11.78
CA SER C 112 14.52 12.55 -12.16
C SER C 112 15.16 11.35 -11.48
N GLY C 113 16.04 10.66 -12.19
CA GLY C 113 16.69 9.52 -11.62
C GLY C 113 16.77 8.30 -12.53
N SER C 114 17.62 7.36 -12.16
CA SER C 114 17.78 6.15 -12.93
C SER C 114 16.67 5.21 -12.51
N LEU C 115 16.32 4.27 -13.37
CA LEU C 115 15.27 3.30 -13.07
C LEU C 115 15.86 1.92 -13.20
N GLU C 116 15.23 0.95 -12.55
CA GLU C 116 15.71 -0.42 -12.63
C GLU C 116 14.54 -1.32 -12.94
N VAL C 117 14.81 -2.39 -13.68
CA VAL C 117 13.78 -3.34 -14.04
C VAL C 117 14.37 -4.72 -13.95
N THR C 118 14.00 -5.43 -12.91
CA THR C 118 14.50 -6.77 -12.70
C THR C 118 13.56 -7.76 -13.38
N PHE C 119 14.14 -8.67 -14.15
CA PHE C 119 13.38 -9.68 -14.86
C PHE C 119 13.64 -11.03 -14.23
N MET C 120 12.61 -11.67 -13.72
CA MET C 120 12.78 -12.97 -13.11
C MET C 120 12.29 -14.06 -14.04
N PHE C 121 13.15 -15.03 -14.31
CA PHE C 121 12.79 -16.14 -15.18
C PHE C 121 12.06 -17.21 -14.38
N THR C 122 10.86 -17.60 -14.82
CA THR C 122 10.10 -18.60 -14.07
C THR C 122 9.97 -19.97 -14.73
N GLY C 123 10.83 -20.28 -15.69
CA GLY C 123 10.77 -21.59 -16.34
C GLY C 123 11.29 -22.70 -15.45
N SER C 124 11.45 -23.88 -16.03
CA SER C 124 11.95 -25.05 -15.30
C SER C 124 13.44 -24.98 -15.00
N PHE C 125 13.85 -25.61 -13.91
CA PHE C 125 15.25 -25.62 -13.53
C PHE C 125 16.12 -26.10 -14.69
N MET C 126 15.57 -27.00 -15.49
CA MET C 126 16.32 -27.57 -16.60
C MET C 126 16.56 -26.69 -17.79
N ALA C 127 15.71 -25.69 -17.96
CA ALA C 127 15.81 -24.76 -19.09
C ALA C 127 16.91 -23.72 -18.92
N THR C 128 17.73 -23.56 -19.96
CA THR C 128 18.81 -22.57 -19.95
C THR C 128 18.53 -21.49 -20.99
N GLY C 129 19.43 -20.52 -21.11
CA GLY C 129 19.22 -19.48 -22.09
C GLY C 129 19.89 -18.18 -21.77
N LYS C 130 20.14 -17.39 -22.81
CA LYS C 130 20.78 -16.09 -22.67
C LYS C 130 19.95 -15.08 -23.45
N MET C 131 19.60 -13.99 -22.79
CA MET C 131 18.81 -12.93 -23.40
C MET C 131 19.62 -11.65 -23.40
N LEU C 132 19.22 -10.70 -24.23
CA LEU C 132 19.92 -9.43 -24.27
C LEU C 132 18.88 -8.33 -24.07
N ILE C 133 18.93 -7.65 -22.92
CA ILE C 133 17.99 -6.57 -22.63
C ILE C 133 18.69 -5.28 -22.98
N ALA C 134 18.02 -4.40 -23.73
CA ALA C 134 18.66 -3.16 -24.13
C ALA C 134 17.86 -1.88 -23.98
N TYR C 135 18.49 -0.89 -23.35
CA TYR C 135 17.89 0.41 -23.16
C TYR C 135 18.40 1.29 -24.29
N THR C 136 17.48 1.86 -25.06
CA THR C 136 17.87 2.70 -26.16
C THR C 136 17.45 4.13 -25.85
N PRO C 137 18.43 4.97 -25.47
CA PRO C 137 18.25 6.39 -25.13
C PRO C 137 17.45 7.16 -26.18
N PRO C 138 16.97 8.36 -25.82
CA PRO C 138 16.18 9.22 -26.71
C PRO C 138 16.77 9.39 -28.11
N GLY C 139 15.90 9.57 -29.09
CA GLY C 139 16.34 9.75 -30.46
C GLY C 139 16.53 8.46 -31.22
N GLY C 140 16.83 7.39 -30.50
CA GLY C 140 17.02 6.12 -31.16
C GLY C 140 15.69 5.44 -31.39
N PRO C 141 15.30 5.24 -32.67
CA PRO C 141 14.03 4.59 -33.01
C PRO C 141 14.08 3.11 -32.59
N LEU C 142 12.92 2.54 -32.31
CA LEU C 142 12.87 1.15 -31.87
C LEU C 142 13.75 0.26 -32.74
N PRO C 143 14.88 -0.22 -32.19
CA PRO C 143 15.81 -1.09 -32.92
C PRO C 143 15.13 -2.20 -33.71
N LYS C 144 15.49 -2.30 -34.99
CA LYS C 144 14.92 -3.31 -35.88
C LYS C 144 15.43 -4.72 -35.64
N ASP C 145 16.65 -4.84 -35.15
CA ASP C 145 17.26 -6.14 -34.88
C ASP C 145 18.18 -6.06 -33.69
N ARG C 146 18.71 -7.19 -33.27
CA ARG C 146 19.61 -7.20 -32.11
C ARG C 146 20.89 -6.42 -32.40
N ALA C 147 21.49 -6.69 -33.55
CA ALA C 147 22.73 -6.01 -33.96
C ALA C 147 22.63 -4.48 -33.85
N THR C 148 21.40 -3.97 -33.79
CA THR C 148 21.20 -2.53 -33.67
C THR C 148 20.92 -2.17 -32.22
N ALA C 149 20.11 -2.99 -31.58
CA ALA C 149 19.74 -2.77 -30.18
C ALA C 149 20.96 -2.79 -29.26
N MET C 150 21.92 -3.66 -29.55
CA MET C 150 23.12 -3.80 -28.74
C MET C 150 24.01 -2.56 -28.70
N LEU C 151 23.83 -1.65 -29.64
CA LEU C 151 24.64 -0.44 -29.68
C LEU C 151 24.34 0.49 -28.52
N GLY C 152 23.21 0.25 -27.85
CA GLY C 152 22.84 1.09 -26.73
C GLY C 152 23.26 0.45 -25.42
N THR C 153 22.67 0.93 -24.34
CA THR C 153 22.97 0.40 -23.01
C THR C 153 22.29 -0.96 -22.94
N HIS C 154 22.99 -1.96 -22.46
CA HIS C 154 22.37 -3.27 -22.39
C HIS C 154 23.01 -4.24 -21.42
N VAL C 155 22.44 -5.43 -21.35
CA VAL C 155 22.92 -6.48 -20.48
C VAL C 155 22.56 -7.85 -21.06
N ILE C 156 23.52 -8.76 -21.03
CA ILE C 156 23.29 -10.10 -21.51
C ILE C 156 22.93 -10.87 -20.25
N TRP C 157 21.75 -11.47 -20.23
CA TRP C 157 21.28 -12.22 -19.07
C TRP C 157 21.39 -13.71 -19.27
N ASP C 158 21.99 -14.41 -18.31
CA ASP C 158 22.12 -15.85 -18.41
C ASP C 158 21.27 -16.53 -17.34
N PHE C 159 20.42 -17.46 -17.75
CA PHE C 159 19.56 -18.16 -16.79
C PHE C 159 20.39 -19.11 -15.94
N GLY C 160 20.16 -19.08 -14.63
CA GLY C 160 20.90 -19.97 -13.73
C GLY C 160 20.24 -19.95 -12.37
N LEU C 161 20.94 -20.38 -11.32
CA LEU C 161 20.36 -20.38 -9.98
C LEU C 161 19.77 -19.02 -9.70
N GLN C 162 20.53 -17.98 -10.04
CA GLN C 162 20.05 -16.62 -9.86
C GLN C 162 18.97 -16.38 -10.90
N SER C 163 17.75 -16.66 -10.48
CA SER C 163 16.58 -16.53 -11.32
C SER C 163 16.53 -15.24 -12.13
N SER C 164 16.66 -14.11 -11.45
CA SER C 164 16.55 -12.83 -12.12
C SER C 164 17.81 -11.97 -12.35
N VAL C 165 17.65 -11.03 -13.29
CA VAL C 165 18.71 -10.09 -13.65
C VAL C 165 18.04 -8.72 -13.63
N THR C 166 18.82 -7.69 -13.36
CA THR C 166 18.24 -6.37 -13.30
C THR C 166 18.85 -5.42 -14.34
N LEU C 167 17.97 -4.80 -15.12
CA LEU C 167 18.41 -3.85 -16.13
C LEU C 167 18.31 -2.47 -15.53
N VAL C 168 19.44 -1.77 -15.45
CA VAL C 168 19.43 -0.42 -14.93
C VAL C 168 19.24 0.54 -16.08
N ILE C 169 18.20 1.36 -15.99
CA ILE C 169 17.91 2.36 -17.02
C ILE C 169 18.40 3.67 -16.44
N PRO C 170 19.72 3.90 -16.58
CA PRO C 170 20.38 5.10 -16.08
C PRO C 170 19.70 6.38 -16.50
N TRP C 171 19.85 7.39 -15.65
CA TRP C 171 19.28 8.68 -15.93
C TRP C 171 20.17 9.33 -16.97
N ILE C 172 19.73 9.23 -18.22
CA ILE C 172 20.47 9.83 -19.32
C ILE C 172 19.47 10.77 -19.97
N SER C 173 19.55 12.04 -19.58
CA SER C 173 18.64 13.07 -20.08
C SER C 173 19.35 14.39 -20.34
N ASN C 174 18.77 15.22 -21.18
CA ASN C 174 19.38 16.51 -21.47
C ASN C 174 19.04 17.46 -20.33
N THR C 175 17.79 17.38 -19.85
CA THR C 175 17.30 18.20 -18.75
C THR C 175 17.57 17.57 -17.40
N HIS C 176 17.48 18.38 -16.35
CA HIS C 176 17.69 17.89 -15.00
C HIS C 176 16.49 17.08 -14.54
N TYR C 177 15.31 17.49 -15.01
CA TYR C 177 14.08 16.81 -14.68
C TYR C 177 13.30 16.49 -15.95
N ARG C 178 12.30 15.64 -15.82
CA ARG C 178 11.44 15.24 -16.93
C ARG C 178 9.99 15.37 -16.55
N ALA C 179 9.18 15.97 -17.42
CA ALA C 179 7.76 16.06 -17.15
C ALA C 179 7.24 14.79 -17.80
N HIS C 180 6.04 14.35 -17.45
CA HIS C 180 5.52 13.12 -18.05
C HIS C 180 5.52 13.17 -19.57
N ALA C 181 6.07 12.14 -20.19
CA ALA C 181 6.11 12.05 -21.65
C ALA C 181 4.76 11.60 -22.20
N ARG C 182 4.36 12.11 -23.36
CA ARG C 182 3.07 11.74 -23.94
C ARG C 182 2.84 12.08 -25.42
N ASP C 183 3.28 11.20 -26.30
CA ASP C 183 3.07 11.38 -27.74
C ASP C 183 3.33 12.76 -28.35
N GLY C 184 2.33 13.61 -28.30
CA GLY C 184 2.48 14.92 -28.90
C GLY C 184 3.38 15.96 -28.23
N VAL C 185 4.53 16.25 -28.85
CA VAL C 185 5.46 17.27 -28.34
C VAL C 185 6.15 16.88 -27.05
N PHE C 186 5.37 16.48 -26.06
CA PHE C 186 5.95 16.08 -24.79
C PHE C 186 6.71 14.78 -24.93
N ASP C 187 6.88 14.32 -26.17
CA ASP C 187 7.64 13.11 -26.42
C ASP C 187 9.09 13.57 -26.27
N TYR C 188 9.25 14.87 -26.05
CA TYR C 188 10.55 15.50 -25.85
C TYR C 188 11.18 14.92 -24.59
N TYR C 189 10.32 14.63 -23.61
CA TYR C 189 10.72 14.08 -22.32
C TYR C 189 10.76 12.55 -22.28
N THR C 190 10.69 11.92 -23.44
CA THR C 190 10.72 10.46 -23.45
C THR C 190 12.03 9.97 -22.86
N THR C 191 11.95 8.84 -22.16
CA THR C 191 13.10 8.23 -21.53
C THR C 191 13.87 7.38 -22.54
N GLY C 192 13.15 6.63 -23.35
CA GLY C 192 13.81 5.79 -24.32
C GLY C 192 13.07 4.49 -24.51
N LEU C 193 13.75 3.48 -25.02
CA LEU C 193 13.10 2.19 -25.25
C LEU C 193 13.84 0.99 -24.74
N VAL C 194 13.09 0.02 -24.29
CA VAL C 194 13.66 -1.22 -23.81
C VAL C 194 13.22 -2.32 -24.77
N SER C 195 14.18 -3.14 -25.17
CA SER C 195 13.92 -4.24 -26.10
C SER C 195 14.61 -5.49 -25.61
N ILE C 196 13.91 -6.61 -25.67
CA ILE C 196 14.49 -7.87 -25.22
C ILE C 196 14.69 -8.81 -26.39
N TRP C 197 15.93 -9.26 -26.58
CA TRP C 197 16.24 -10.15 -27.69
C TRP C 197 16.82 -11.46 -27.22
N TYR C 198 16.78 -12.47 -28.07
CA TYR C 198 17.36 -13.75 -27.71
C TYR C 198 18.84 -13.67 -28.03
N GLN C 199 19.69 -13.77 -27.00
CA GLN C 199 21.12 -13.72 -27.24
C GLN C 199 21.50 -15.03 -27.92
N THR C 200 21.13 -16.15 -27.31
CA THR C 200 21.39 -17.45 -27.91
C THR C 200 20.05 -18.10 -28.21
N ASN C 201 19.49 -18.81 -27.23
CA ASN C 201 18.19 -19.45 -27.43
C ASN C 201 17.73 -20.15 -26.15
N TYR C 202 16.42 -20.31 -26.03
CA TYR C 202 15.81 -20.99 -24.89
C TYR C 202 16.04 -22.47 -25.17
N VAL C 203 16.89 -23.12 -24.39
CA VAL C 203 17.18 -24.53 -24.58
C VAL C 203 16.59 -25.35 -23.45
N VAL C 204 16.09 -26.53 -23.78
CA VAL C 204 15.46 -27.38 -22.79
C VAL C 204 15.60 -28.87 -23.21
N PRO C 205 15.65 -29.81 -22.24
CA PRO C 205 15.77 -31.23 -22.57
C PRO C 205 14.40 -31.77 -22.95
N ILE C 206 14.33 -33.07 -23.20
CA ILE C 206 13.05 -33.65 -23.53
C ILE C 206 12.37 -33.87 -22.19
N GLY C 207 11.08 -33.57 -22.11
CA GLY C 207 10.39 -33.76 -20.85
C GLY C 207 10.19 -32.49 -20.07
N ALA C 208 10.50 -31.36 -20.69
CA ALA C 208 10.33 -30.07 -20.04
C ALA C 208 9.57 -29.14 -20.97
N PRO C 209 8.67 -28.31 -20.39
CA PRO C 209 7.84 -27.34 -21.11
C PRO C 209 8.62 -26.54 -22.14
N ASN C 210 8.11 -26.46 -23.36
CA ASN C 210 8.83 -25.77 -24.42
C ASN C 210 8.66 -24.27 -24.38
N THR C 211 7.85 -23.81 -23.44
CA THR C 211 7.61 -22.39 -23.26
C THR C 211 7.40 -22.03 -21.78
N ALA C 212 8.04 -20.94 -21.36
CA ALA C 212 7.98 -20.45 -19.98
C ALA C 212 7.79 -18.94 -19.96
N TYR C 213 7.63 -18.35 -18.78
CA TYR C 213 7.43 -16.92 -18.69
C TYR C 213 8.44 -16.14 -17.86
N ILE C 214 8.53 -14.86 -18.17
CA ILE C 214 9.42 -13.96 -17.46
C ILE C 214 8.54 -12.94 -16.77
N ILE C 215 8.93 -12.49 -15.60
CA ILE C 215 8.16 -11.50 -14.88
C ILE C 215 9.03 -10.29 -14.67
N ALA C 216 8.46 -9.12 -14.95
CA ALA C 216 9.21 -7.89 -14.79
C ALA C 216 8.76 -7.16 -13.53
N LEU C 217 9.74 -6.71 -12.75
CA LEU C 217 9.47 -5.97 -11.53
C LEU C 217 10.28 -4.70 -11.69
N ALA C 218 9.63 -3.55 -11.51
CA ALA C 218 10.34 -2.31 -11.70
C ALA C 218 10.20 -1.31 -10.56
N ALA C 219 11.22 -0.46 -10.43
CA ALA C 219 11.24 0.56 -9.40
C ALA C 219 12.25 1.65 -9.77
N ALA C 220 12.43 2.60 -8.88
CA ALA C 220 13.37 3.68 -9.12
C ALA C 220 14.65 3.46 -8.32
N GLN C 221 15.74 4.03 -8.81
CA GLN C 221 17.03 3.92 -8.15
C GLN C 221 17.14 4.99 -7.07
N LYS C 222 18.24 4.96 -6.32
CA LYS C 222 18.45 5.91 -5.23
C LYS C 222 18.52 7.38 -5.64
N ASN C 223 18.94 7.67 -6.85
CA ASN C 223 19.03 9.07 -7.28
C ASN C 223 17.71 9.61 -7.78
N PHE C 224 16.64 8.86 -7.56
CA PHE C 224 15.32 9.28 -8.04
C PHE C 224 14.57 10.21 -7.10
N THR C 225 13.98 11.26 -7.67
CA THR C 225 13.20 12.23 -6.91
C THR C 225 12.13 12.81 -7.83
N MET C 226 11.08 13.38 -7.25
CA MET C 226 10.01 13.96 -8.04
C MET C 226 9.69 15.33 -7.47
N LYS C 227 9.08 16.19 -8.28
CA LYS C 227 8.71 17.51 -7.82
C LYS C 227 7.49 18.07 -8.50
N LEU C 228 6.98 19.16 -7.92
CA LEU C 228 5.79 19.86 -8.41
C LEU C 228 4.65 18.88 -8.52
N CYS C 229 4.02 18.58 -7.39
CA CYS C 229 2.94 17.62 -7.45
C CYS C 229 1.61 18.20 -7.87
N LYS C 230 0.94 17.41 -8.71
CA LYS C 230 -0.36 17.70 -9.29
C LYS C 230 -1.27 16.54 -8.93
N ASP C 231 -2.40 16.42 -9.64
CA ASP C 231 -3.33 15.33 -9.41
C ASP C 231 -3.14 14.26 -10.50
N THR C 232 -3.33 12.99 -10.14
CA THR C 232 -3.18 11.91 -11.11
C THR C 232 -4.28 12.11 -12.13
N SER C 233 -3.95 11.82 -13.39
CA SER C 233 -4.91 11.92 -14.48
C SER C 233 -5.51 10.54 -14.58
N HIS C 234 -4.62 9.57 -14.82
CA HIS C 234 -4.94 8.15 -14.96
C HIS C 234 -6.39 7.86 -14.68
N ILE C 235 -6.74 8.06 -13.41
CA ILE C 235 -8.09 7.80 -12.92
C ILE C 235 -8.92 9.00 -12.41
N LEU C 236 -10.22 8.81 -12.61
CA LEU C 236 -11.30 9.72 -12.28
C LEU C 236 -12.52 8.77 -12.38
N GLN C 237 -13.39 8.78 -11.37
CA GLN C 237 -14.56 7.91 -11.34
C GLN C 237 -15.72 8.36 -12.23
N THR C 238 -16.96 7.98 -11.87
CA THR C 238 -18.09 8.35 -12.73
C THR C 238 -19.37 8.82 -12.03
N ALA C 239 -20.07 7.89 -11.41
CA ALA C 239 -21.30 8.21 -10.71
C ALA C 239 -20.94 8.51 -9.27
N SER C 240 -21.15 9.76 -8.84
CA SER C 240 -20.82 10.15 -7.47
C SER C 240 -20.99 8.94 -6.53
N ILE C 241 -19.97 8.70 -5.70
CA ILE C 241 -19.94 7.56 -4.78
C ILE C 241 -21.18 7.49 -3.89
N GLN C 242 -21.86 6.35 -3.97
CA GLN C 242 -23.08 6.10 -3.21
C GLN C 242 -22.86 5.97 -1.70
N HIS D 13 2.17 28.71 28.73
CA HIS D 13 3.05 28.21 27.64
C HIS D 13 2.23 27.77 26.41
N GLU D 14 1.92 26.48 26.34
CA GLU D 14 1.15 25.92 25.22
C GLU D 14 0.89 24.43 25.38
N ASN D 15 -0.28 23.98 24.89
CA ASN D 15 -0.68 22.57 24.95
C ASN D 15 0.05 21.75 23.89
N SER D 16 0.57 20.59 24.29
CA SER D 16 1.28 19.69 23.36
C SER D 16 0.26 18.65 22.90
N ASN D 17 -0.58 19.05 21.94
CA ASN D 17 -1.63 18.17 21.44
C ASN D 17 -1.79 17.98 19.92
N SER D 18 -0.69 18.08 19.18
CA SER D 18 -0.79 17.86 17.73
C SER D 18 -0.60 16.36 17.44
N ALA D 19 -1.09 15.91 16.28
CA ALA D 19 -1.00 14.50 15.91
C ALA D 19 0.41 13.94 15.96
N THR D 20 1.39 14.78 15.63
CA THR D 20 2.79 14.38 15.60
C THR D 20 3.54 14.65 16.90
N GLU D 21 2.98 14.22 18.02
CA GLU D 21 3.62 14.40 19.30
C GLU D 21 4.44 13.15 19.57
N GLY D 22 5.63 13.32 20.12
CA GLY D 22 6.48 12.18 20.41
C GLY D 22 7.02 11.58 19.11
N SER D 23 6.81 12.30 18.02
CA SER D 23 7.27 11.89 16.70
C SER D 23 8.77 12.08 16.60
N THR D 24 9.45 11.06 16.10
CA THR D 24 10.91 11.09 15.95
C THR D 24 11.38 12.13 14.93
N ILE D 25 10.44 12.80 14.27
CA ILE D 25 10.76 13.83 13.27
C ILE D 25 10.66 15.20 13.95
N ASN D 26 11.47 16.16 13.49
CA ASN D 26 11.47 17.50 14.06
C ASN D 26 10.85 18.53 13.10
N TYR D 27 9.84 19.24 13.58
CA TYR D 27 9.13 20.23 12.77
C TYR D 27 9.29 21.64 13.35
N THR D 28 9.23 22.63 12.46
CA THR D 28 9.27 24.04 12.87
C THR D 28 8.01 24.65 12.25
N THR D 29 7.10 25.02 13.13
CA THR D 29 5.80 25.55 12.75
C THR D 29 5.44 26.88 13.41
N ILE D 30 4.36 27.48 12.92
CA ILE D 30 3.85 28.73 13.45
C ILE D 30 2.48 28.49 14.09
N ASN D 31 2.14 29.29 15.09
CA ASN D 31 0.86 29.13 15.79
C ASN D 31 0.50 30.42 16.55
N TYR D 32 -0.79 30.68 16.72
CA TYR D 32 -1.24 31.86 17.45
C TYR D 32 -2.24 31.48 18.55
N TYR D 33 -2.54 30.18 18.68
CA TYR D 33 -3.47 29.68 19.70
C TYR D 33 -2.80 28.74 20.70
N LYS D 34 -3.44 28.55 21.85
CA LYS D 34 -2.87 27.70 22.91
C LYS D 34 -2.75 26.22 22.58
N ASP D 35 -3.54 25.73 21.62
CA ASP D 35 -3.50 24.32 21.24
C ASP D 35 -2.57 24.13 20.04
N SER D 36 -1.55 23.30 20.20
CA SER D 36 -0.57 23.11 19.13
C SER D 36 -1.06 22.42 17.87
N TYR D 37 -2.24 21.79 17.89
CA TYR D 37 -2.70 21.14 16.69
C TYR D 37 -3.18 22.18 15.68
N ALA D 38 -3.31 23.42 16.15
CA ALA D 38 -3.75 24.51 15.29
C ALA D 38 -2.59 25.08 14.48
N ALA D 39 -1.37 24.70 14.84
CA ALA D 39 -0.17 25.17 14.16
C ALA D 39 -0.13 24.81 12.68
N THR D 40 0.76 25.46 11.94
CA THR D 40 0.90 25.21 10.51
C THR D 40 1.49 23.81 10.28
N ALA D 41 1.51 23.37 9.03
CA ALA D 41 2.06 22.06 8.71
C ALA D 41 3.56 22.12 8.92
N GLY D 42 4.12 23.23 8.45
CA GLY D 42 5.54 23.49 8.59
C GLY D 42 6.52 22.66 7.80
N LYS D 43 7.76 23.15 7.80
CA LYS D 43 8.92 22.53 7.15
C LYS D 43 9.32 21.43 8.13
N GLN D 44 9.98 20.39 7.63
CA GLN D 44 10.38 19.31 8.52
C GLN D 44 11.59 18.49 8.07
N SER D 45 12.03 17.60 8.95
CA SER D 45 13.19 16.73 8.72
C SER D 45 12.98 15.69 7.62
N LEU D 46 14.01 15.52 6.79
CA LEU D 46 13.99 14.60 5.66
C LEU D 46 14.73 13.29 5.83
N LYS D 47 14.28 12.44 6.74
CA LYS D 47 14.95 11.16 6.92
C LYS D 47 14.13 10.08 6.21
N GLN D 48 14.80 9.13 5.58
CA GLN D 48 14.12 8.05 4.88
C GLN D 48 14.66 6.69 5.29
N ASP D 49 13.89 5.64 5.02
CA ASP D 49 14.31 4.28 5.33
C ASP D 49 13.73 3.32 4.30
N PRO D 50 14.33 3.28 3.11
CA PRO D 50 13.86 2.41 2.03
C PRO D 50 13.86 0.92 2.39
N ASP D 51 14.98 0.47 2.93
CA ASP D 51 15.17 -0.92 3.33
C ASP D 51 13.97 -1.56 4.00
N LYS D 52 13.21 -0.76 4.73
CA LYS D 52 12.03 -1.25 5.43
C LYS D 52 11.03 -1.92 4.49
N PHE D 53 10.93 -1.41 3.26
CA PHE D 53 10.01 -1.97 2.29
C PHE D 53 10.73 -2.62 1.12
N ALA D 54 11.92 -2.12 0.82
CA ALA D 54 12.69 -2.63 -0.29
C ALA D 54 13.67 -3.74 0.07
N ASN D 55 14.05 -3.83 1.34
CA ASN D 55 14.99 -4.85 1.76
C ASN D 55 14.71 -5.36 3.16
N PRO D 56 13.48 -5.83 3.44
CA PRO D 56 13.14 -6.32 4.78
C PRO D 56 13.69 -7.71 5.04
N VAL D 57 14.85 -7.99 4.45
CA VAL D 57 15.52 -9.28 4.57
C VAL D 57 16.15 -9.45 5.94
N LYS D 58 16.20 -10.70 6.42
CA LYS D 58 16.80 -10.98 7.73
C LYS D 58 18.32 -10.88 7.64
N ASP D 59 18.91 -11.67 6.76
CA ASP D 59 20.36 -11.67 6.57
C ASP D 59 20.68 -10.94 5.25
N ILE D 60 21.17 -9.71 5.36
CA ILE D 60 21.50 -8.90 4.17
C ILE D 60 22.52 -9.57 3.25
N PHE D 61 22.69 -9.06 2.03
CA PHE D 61 23.62 -9.72 1.11
C PHE D 61 24.52 -8.97 0.11
N THR D 62 24.47 -7.65 0.06
CA THR D 62 25.35 -6.92 -0.89
C THR D 62 24.84 -7.10 -2.32
N GLU D 63 25.31 -6.27 -3.23
CA GLU D 63 24.87 -6.40 -4.61
C GLU D 63 25.88 -7.25 -5.36
N MET D 64 27.14 -7.11 -4.94
CA MET D 64 28.30 -7.80 -5.50
C MET D 64 28.19 -9.32 -5.40
N ALA D 65 27.35 -9.77 -4.48
CA ALA D 65 27.18 -11.20 -4.30
C ALA D 65 26.01 -11.76 -5.08
N ALA D 66 25.93 -13.09 -5.05
CA ALA D 66 24.86 -13.80 -5.69
C ALA D 66 23.88 -13.98 -4.51
N PRO D 67 22.66 -13.42 -4.62
CA PRO D 67 21.67 -13.52 -3.56
C PRO D 67 21.44 -14.93 -2.99
N LEU D 68 21.74 -15.96 -3.77
CA LEU D 68 21.54 -17.33 -3.29
C LEU D 68 22.82 -18.15 -3.22
N LYS D 69 23.29 -18.38 -2.00
CA LYS D 69 24.49 -19.18 -1.76
C LYS D 69 24.07 -20.45 -1.02
O1 W71 E . -17.66 21.13 12.07
N2 W71 E . -17.76 22.21 12.67
C3 W71 E . -16.62 22.65 13.09
C31 W71 E . -16.43 23.93 13.85
C4 W71 E . -15.61 21.65 12.67
C5 W71 E . -16.39 20.68 12.01
C1C W71 E . -16.00 19.36 11.34
C2C W71 E . -14.87 18.65 12.09
C3C W71 E . -14.56 17.35 11.34
C4C W71 E . -13.37 16.58 11.96
C5C W71 E . -13.26 15.38 11.01
C6C W71 E . -12.08 14.43 11.31
C7C W71 E . -12.25 13.31 10.28
O1B W71 E . -11.34 12.21 10.43
C1B W71 E . -11.78 11.16 9.57
C2B W71 E . -11.13 9.86 9.63
C3B W71 E . -11.64 8.78 8.85
C4B W71 E . -12.76 8.93 8.01
C5B W71 E . -13.40 10.23 7.89
C6B W71 E . -12.91 11.32 8.67
C2A W71 E . -13.28 7.72 7.29
N3A W71 E . -14.36 7.76 6.48
C4A W71 E . -14.59 6.32 5.96
C5A W71 E . -13.78 5.46 6.99
O1A W71 E . -12.74 6.44 7.38
#